data_7OJI
#
_entry.id   7OJI
#
_cell.length_a   1.00
_cell.length_b   1.00
_cell.length_c   1.00
_cell.angle_alpha   90.00
_cell.angle_beta   90.00
_cell.angle_gamma   90.00
#
_symmetry.space_group_name_H-M   'P 1'
#
loop_
_entity.id
_entity.type
_entity.pdbx_description
1 polymer 'Broad substrate specificity ATP-binding cassette transporter ABCG2'
2 non-polymer "(S)-10-[(DIMETHYLAMINO)METHYL]-4-ETHYL-4,9-DIHYDROXY-1H-PYRANO[3',4':6,7]INOLIZINO[1,2-B]-QUINOLINE-3,14(4H,12H)-DIONE"
3 non-polymer CHOLESTEROL
4 non-polymer 'DIUNDECYL PHOSPHATIDYL CHOLINE'
5 non-polymer "ADENOSINE-5'-TRIPHOSPHATE"
#
_entity_poly.entity_id   1
_entity_poly.type   'polypeptide(L)'
_entity_poly.pdbx_seq_one_letter_code
;MDYKDDDDKGSSSSNVEVFIPVSQGNTNGFPATASNDLKAFTEGAVLSFHNICYRVKLKSGFLPCRKPVEKEILSNINGI
MKPGLNAILGPTGGGKSSLLDVLAARKDPSGLSGDVLINGAPRPANFKCNSGYVVQDDVVMGTLTVRENLQFSAALRLAT
TMTNHEKNERINRVIQELGLDKVADSKVGTQFIRGVSGGERKRTSIGMELITDPSILFLDEPTTGLDSSTANAVLLLLKR
MSKQGRTIIFSIHQPRYSIFKLFDSLTLLASGRLMFHGPAQEALGYFESAGYHCEAYNNPADFFLDIINGDSTAVALNRE
EDFKATEIIEPSKQDKPLIEKLAEIYVNSSFYKETKAELHQLSGGEKKKKITVFKEISYTTSFCHQLRWVSKRSFKNLLG
NPQASIAQIIVTVVLGLVIGAIYFGLKNDSTGIQNRAGVLFFLTTNQCFSSVSAVELFVVEKKLFIHEYISGYYRVSSYF
LGKLLSDLLPMRMLPSIIFTCIVYFMLGLKPKADAFFVMMFTLMMVAYSASSMALAIAAGQSVVSVATLLMTICFVFMMI
FSGLLVNLTTIASWLSWLQYFSIPRYGFTALQHNEFLGQNFCPGLNATGNNPCNYATCTGEEYLVKQGIDLSPWGLWKNH
VALACMIVIFLTIAYLKLLFLKKYS
;
_entity_poly.pdbx_strand_id   A,B
#
# COMPACT_ATOMS: atom_id res chain seq x y z
N GLY A 44 26.62 -15.18 33.79
CA GLY A 44 26.17 -14.68 32.51
C GLY A 44 25.64 -15.78 31.61
N ALA A 45 25.29 -15.41 30.39
CA ALA A 45 24.76 -16.34 29.39
C ALA A 45 25.82 -16.58 28.34
N VAL A 46 26.24 -17.83 28.19
CA VAL A 46 27.26 -18.20 27.22
C VAL A 46 26.61 -18.94 26.07
N LEU A 47 26.20 -18.19 25.05
CA LEU A 47 25.66 -18.81 23.85
C LEU A 47 26.76 -19.50 23.06
N SER A 48 26.37 -20.47 22.26
CA SER A 48 27.31 -21.24 21.46
C SER A 48 26.58 -21.84 20.27
N PHE A 49 27.36 -22.29 19.29
CA PHE A 49 26.82 -23.00 18.15
C PHE A 49 27.92 -23.81 17.50
N HIS A 50 27.54 -24.80 16.70
CA HIS A 50 28.49 -25.74 16.13
C HIS A 50 27.89 -26.45 14.92
N ASN A 51 28.60 -26.41 13.80
CA ASN A 51 28.27 -27.10 12.57
C ASN A 51 26.97 -26.61 11.95
N ILE A 52 26.52 -25.41 12.33
CA ILE A 52 25.30 -24.86 11.75
C ILE A 52 25.36 -24.88 10.24
N CYS A 53 24.25 -25.28 9.62
CA CYS A 53 24.03 -25.12 8.20
C CYS A 53 22.55 -24.82 8.00
N TYR A 54 22.20 -24.26 6.84
CA TYR A 54 20.83 -23.86 6.61
C TYR A 54 20.51 -23.99 5.12
N ARG A 55 19.24 -24.25 4.84
CA ARG A 55 18.75 -24.49 3.50
C ARG A 55 17.41 -23.80 3.31
N VAL A 56 17.11 -23.43 2.06
CA VAL A 56 15.85 -22.80 1.72
C VAL A 56 15.36 -23.38 0.40
N LYS A 57 14.07 -23.69 0.36
CA LYS A 57 13.46 -24.30 -0.81
C LYS A 57 12.88 -23.24 -1.73
N PRO A 68 10.87 -27.53 -4.09
CA PRO A 68 11.68 -27.41 -5.30
C PRO A 68 13.18 -27.35 -4.98
N VAL A 69 13.96 -26.61 -5.77
CA VAL A 69 15.40 -26.56 -5.56
C VAL A 69 15.69 -26.07 -4.14
N GLU A 70 16.76 -26.59 -3.57
CA GLU A 70 17.18 -26.28 -2.21
C GLU A 70 18.51 -25.51 -2.27
N LYS A 71 18.49 -24.27 -1.80
CA LYS A 71 19.66 -23.42 -1.75
C LYS A 71 20.21 -23.37 -0.34
N GLU A 72 21.54 -23.43 -0.22
CA GLU A 72 22.20 -23.42 1.08
C GLU A 72 22.70 -22.00 1.34
N ILE A 73 21.93 -21.26 2.14
CA ILE A 73 22.30 -19.88 2.46
C ILE A 73 23.49 -19.86 3.39
N LEU A 74 23.48 -20.70 4.42
CA LEU A 74 24.55 -20.77 5.40
C LEU A 74 25.23 -22.12 5.34
N SER A 75 26.55 -22.09 5.33
CA SER A 75 27.39 -23.27 5.34
C SER A 75 27.97 -23.46 6.74
N ASN A 76 28.92 -24.38 6.87
CA ASN A 76 29.54 -24.64 8.16
C ASN A 76 29.86 -23.36 8.89
N ILE A 77 29.29 -23.21 10.08
CA ILE A 77 29.48 -22.04 10.93
C ILE A 77 29.65 -22.50 12.36
N ASN A 78 30.59 -21.89 13.06
CA ASN A 78 30.82 -22.19 14.47
C ASN A 78 31.26 -20.91 15.16
N GLY A 79 30.95 -20.82 16.44
CA GLY A 79 31.32 -19.64 17.19
C GLY A 79 30.78 -19.71 18.60
N ILE A 80 31.29 -18.81 19.42
CA ILE A 80 30.85 -18.65 20.80
C ILE A 80 30.62 -17.17 21.05
N MET A 81 29.53 -16.85 21.75
CA MET A 81 29.15 -15.48 22.04
C MET A 81 29.00 -15.33 23.54
N LYS A 82 30.12 -15.05 24.19
CA LYS A 82 30.14 -14.88 25.62
C LYS A 82 29.49 -13.55 26.00
N PRO A 83 29.08 -13.40 27.26
CA PRO A 83 28.45 -12.15 27.67
C PRO A 83 29.33 -10.95 27.33
N GLY A 84 28.68 -9.81 27.16
CA GLY A 84 29.35 -8.61 26.71
C GLY A 84 28.77 -8.09 25.42
N LEU A 85 29.62 -7.64 24.50
CA LEU A 85 29.19 -7.08 23.23
C LEU A 85 29.77 -7.92 22.10
N ASN A 86 28.89 -8.38 21.21
CA ASN A 86 29.27 -9.23 20.10
C ASN A 86 28.62 -8.69 18.84
N ALA A 87 29.41 -8.57 17.78
CA ALA A 87 28.98 -7.93 16.56
C ALA A 87 29.10 -8.88 15.38
N ILE A 88 28.32 -8.61 14.34
CA ILE A 88 28.31 -9.44 13.16
C ILE A 88 28.42 -8.57 11.92
N LEU A 89 29.64 -8.31 11.48
CA LEU A 89 29.87 -7.52 10.28
C LEU A 89 29.79 -8.39 9.04
N GLY A 90 29.41 -7.78 7.93
CA GLY A 90 29.40 -8.45 6.66
C GLY A 90 28.75 -7.62 5.59
N PRO A 91 28.99 -7.97 4.34
CA PRO A 91 28.36 -7.28 3.22
C PRO A 91 26.94 -7.76 2.97
N THR A 92 26.20 -6.95 2.22
CA THR A 92 24.83 -7.29 1.88
C THR A 92 24.77 -8.62 1.15
N GLY A 93 23.81 -9.44 1.53
CA GLY A 93 23.67 -10.76 0.96
C GLY A 93 24.54 -11.83 1.60
N GLY A 94 25.32 -11.47 2.61
CA GLY A 94 26.20 -12.46 3.23
C GLY A 94 25.44 -13.51 4.01
N GLY A 95 24.46 -13.10 4.80
CA GLY A 95 23.76 -14.03 5.67
C GLY A 95 23.67 -13.54 7.11
N LYS A 96 23.74 -12.23 7.30
CA LYS A 96 23.71 -11.65 8.63
C LYS A 96 22.37 -11.88 9.31
N SER A 97 21.32 -11.32 8.72
CA SER A 97 19.99 -11.43 9.31
C SER A 97 19.57 -12.89 9.46
N SER A 98 19.90 -13.71 8.47
CA SER A 98 19.52 -15.12 8.51
C SER A 98 20.14 -15.80 9.72
N LEU A 99 21.44 -15.59 9.94
CA LEU A 99 22.09 -16.17 11.10
C LEU A 99 21.44 -15.67 12.38
N LEU A 100 21.15 -14.37 12.44
CA LEU A 100 20.62 -13.81 13.67
C LEU A 100 19.29 -14.44 14.02
N ASP A 101 18.40 -14.59 13.04
CA ASP A 101 17.15 -15.26 13.29
C ASP A 101 17.38 -16.71 13.69
N VAL A 102 18.33 -17.39 13.04
CA VAL A 102 18.61 -18.78 13.36
C VAL A 102 19.01 -18.93 14.81
N LEU A 103 19.72 -17.95 15.34
CA LEU A 103 20.13 -18.02 16.74
C LEU A 103 19.01 -17.68 17.69
N ALA A 104 18.01 -16.93 17.24
CA ALA A 104 16.89 -16.52 18.07
C ALA A 104 15.65 -17.36 17.82
N ALA A 105 15.81 -18.56 17.27
CA ALA A 105 14.71 -19.49 17.05
C ALA A 105 13.55 -18.81 16.32
N ARG A 106 13.84 -18.33 15.12
CA ARG A 106 12.84 -17.70 14.27
C ARG A 106 12.86 -18.23 12.85
N LYS A 107 13.72 -19.19 12.54
CA LYS A 107 13.76 -19.85 11.25
C LYS A 107 13.19 -21.26 11.39
N ASP A 108 12.53 -21.72 10.35
CA ASP A 108 11.94 -23.05 10.39
C ASP A 108 13.03 -24.07 10.70
N PRO A 109 12.83 -24.95 11.68
CA PRO A 109 13.89 -25.89 12.06
C PRO A 109 14.17 -26.94 11.00
N SER A 110 13.43 -26.96 9.89
CA SER A 110 13.69 -27.94 8.84
C SER A 110 15.10 -27.76 8.27
N GLY A 111 15.43 -26.55 7.84
CA GLY A 111 16.74 -26.30 7.29
C GLY A 111 17.86 -26.40 8.29
N LEU A 112 17.64 -25.91 9.51
CA LEU A 112 18.69 -25.91 10.51
C LEU A 112 19.19 -27.33 10.77
N SER A 113 20.51 -27.46 10.89
CA SER A 113 21.16 -28.76 11.03
C SER A 113 22.26 -28.74 12.08
N GLY A 114 22.17 -27.84 13.06
CA GLY A 114 23.21 -27.69 14.04
C GLY A 114 22.67 -27.41 15.43
N ASP A 115 23.58 -27.43 16.39
CA ASP A 115 23.25 -27.34 17.80
C ASP A 115 23.47 -25.93 18.31
N VAL A 116 22.40 -25.29 18.78
CA VAL A 116 22.47 -24.01 19.47
C VAL A 116 22.27 -24.27 20.96
N LEU A 117 23.27 -23.91 21.75
CA LEU A 117 23.31 -24.23 23.17
C LEU A 117 23.55 -22.98 23.98
N ILE A 118 22.74 -22.80 25.03
CA ILE A 118 22.92 -21.73 25.98
C ILE A 118 23.52 -22.33 27.25
N ASN A 119 24.74 -21.91 27.58
CA ASN A 119 25.44 -22.37 28.77
C ASN A 119 25.61 -23.89 28.76
N GLY A 120 25.78 -24.45 27.58
CA GLY A 120 25.95 -25.90 27.44
C GLY A 120 24.64 -26.63 27.34
N ALA A 121 23.71 -26.33 28.25
CA ALA A 121 22.40 -26.94 28.19
C ALA A 121 21.64 -26.45 26.96
N PRO A 122 20.71 -27.24 26.46
CA PRO A 122 19.98 -26.84 25.24
C PRO A 122 19.14 -25.60 25.47
N ARG A 123 18.40 -25.24 24.43
CA ARG A 123 17.57 -24.06 24.49
C ARG A 123 16.49 -24.21 25.55
N PRO A 124 16.42 -23.32 26.54
CA PRO A 124 15.35 -23.39 27.52
C PRO A 124 13.99 -23.15 26.87
N ALA A 125 12.96 -23.75 27.46
CA ALA A 125 11.61 -23.60 26.92
C ALA A 125 11.13 -22.17 27.05
N ASN A 126 11.49 -21.49 28.13
CA ASN A 126 11.11 -20.09 28.35
C ASN A 126 12.12 -19.13 27.73
N PHE A 127 12.83 -19.57 26.70
CA PHE A 127 13.86 -18.73 26.10
C PHE A 127 13.28 -17.44 25.56
N LYS A 128 12.18 -17.53 24.81
CA LYS A 128 11.58 -16.34 24.22
C LYS A 128 10.98 -15.42 25.25
N CYS A 129 10.85 -15.85 26.49
CA CYS A 129 10.33 -15.02 27.56
C CYS A 129 11.41 -14.15 28.19
N ASN A 130 12.67 -14.33 27.78
CA ASN A 130 13.77 -13.59 28.35
C ASN A 130 14.72 -13.00 27.32
N SER A 131 14.43 -13.14 26.02
CA SER A 131 15.25 -12.55 24.97
C SER A 131 14.41 -11.60 24.13
N GLY A 132 14.98 -10.46 23.80
CA GLY A 132 14.36 -9.51 22.90
C GLY A 132 14.99 -9.57 21.53
N TYR A 133 14.22 -9.18 20.52
CA TYR A 133 14.67 -9.21 19.13
C TYR A 133 14.17 -7.97 18.43
N VAL A 134 15.08 -7.23 17.82
CA VAL A 134 14.77 -6.04 17.06
C VAL A 134 14.80 -6.38 15.58
N VAL A 135 13.89 -5.83 14.83
CA VAL A 135 13.72 -6.18 13.44
C VAL A 135 14.43 -5.17 12.55
N GLN A 136 14.90 -5.65 11.39
CA GLN A 136 15.58 -4.77 10.44
C GLN A 136 14.62 -3.75 9.87
N ASP A 137 13.46 -4.20 9.41
CA ASP A 137 12.39 -3.31 8.98
C ASP A 137 11.42 -3.12 10.13
N ASP A 138 11.17 -1.86 10.49
CA ASP A 138 10.41 -1.56 11.69
C ASP A 138 8.99 -2.12 11.59
N VAL A 139 8.49 -2.59 12.74
CA VAL A 139 7.09 -2.96 12.88
C VAL A 139 6.52 -2.20 14.05
N VAL A 140 5.93 -1.04 13.77
CA VAL A 140 5.38 -0.16 14.78
C VAL A 140 4.05 0.37 14.26
N MET A 141 3.01 0.25 15.09
CA MET A 141 1.68 0.67 14.67
C MET A 141 1.66 2.18 14.48
N GLY A 142 1.46 2.60 13.24
CA GLY A 142 1.55 4.02 12.93
C GLY A 142 0.50 4.85 13.62
N THR A 143 -0.72 4.32 13.72
CA THR A 143 -1.84 5.09 14.25
C THR A 143 -1.70 5.39 15.74
N LEU A 144 -0.75 4.78 16.42
CA LEU A 144 -0.51 5.04 17.83
C LEU A 144 0.66 5.98 18.01
N THR A 145 0.79 6.48 19.23
CA THR A 145 1.96 7.25 19.60
C THR A 145 3.07 6.33 20.08
N VAL A 146 4.21 6.94 20.41
CA VAL A 146 5.33 6.19 20.93
C VAL A 146 4.99 5.61 22.29
N ARG A 147 4.49 6.45 23.20
CA ARG A 147 4.25 6.02 24.56
C ARG A 147 3.17 4.93 24.63
N GLU A 148 2.15 5.04 23.78
CA GLU A 148 1.13 3.99 23.74
C GLU A 148 1.76 2.65 23.40
N ASN A 149 2.63 2.62 22.40
CA ASN A 149 3.26 1.37 21.99
C ASN A 149 4.14 0.79 23.09
N LEU A 150 4.94 1.64 23.73
CA LEU A 150 5.77 1.16 24.83
C LEU A 150 4.90 0.59 25.95
N GLN A 151 3.81 1.28 26.28
CA GLN A 151 2.91 0.78 27.30
C GLN A 151 2.35 -0.59 26.92
N PHE A 152 2.00 -0.74 25.65
CA PHE A 152 1.42 -2.00 25.18
C PHE A 152 2.40 -3.14 25.33
N SER A 153 3.63 -2.96 24.84
CA SER A 153 4.63 -4.01 24.92
C SER A 153 4.94 -4.35 26.37
N ALA A 154 5.17 -3.34 27.19
CA ALA A 154 5.47 -3.58 28.60
C ALA A 154 4.31 -4.29 29.29
N ALA A 155 3.08 -3.89 28.96
CA ALA A 155 1.92 -4.44 29.64
C ALA A 155 1.76 -5.93 29.33
N LEU A 156 1.97 -6.32 28.08
CA LEU A 156 1.73 -7.71 27.71
C LEU A 156 2.92 -8.60 28.07
N ARG A 157 4.14 -8.10 27.95
CA ARG A 157 5.31 -8.95 28.13
C ARG A 157 5.79 -8.97 29.57
N LEU A 158 6.09 -7.81 30.14
CA LEU A 158 6.48 -7.75 31.55
C LEU A 158 5.35 -8.26 32.43
N ALA A 159 5.72 -8.77 33.59
CA ALA A 159 4.76 -9.36 34.50
C ALA A 159 3.82 -8.29 35.05
N THR A 160 2.66 -8.74 35.51
CA THR A 160 1.64 -7.85 36.04
C THR A 160 1.71 -7.68 37.55
N THR A 161 2.68 -8.31 38.20
CA THR A 161 2.89 -8.06 39.62
C THR A 161 3.32 -6.61 39.85
N MET A 162 4.13 -6.08 38.94
CA MET A 162 4.58 -4.70 39.05
C MET A 162 3.42 -3.74 38.81
N THR A 163 3.44 -2.63 39.54
CA THR A 163 2.38 -1.64 39.42
C THR A 163 2.58 -0.79 38.16
N ASN A 164 1.47 -0.19 37.71
CA ASN A 164 1.51 0.54 36.45
C ASN A 164 2.38 1.78 36.55
N HIS A 165 2.45 2.38 37.74
CA HIS A 165 3.34 3.50 37.94
C HIS A 165 4.78 3.12 37.65
N GLU A 166 5.19 1.92 38.06
CA GLU A 166 6.57 1.49 37.86
C GLU A 166 6.86 1.25 36.38
N LYS A 167 5.93 0.61 35.69
CA LYS A 167 6.10 0.41 34.25
C LYS A 167 6.22 1.74 33.52
N ASN A 168 5.35 2.68 33.87
CA ASN A 168 5.43 4.01 33.27
C ASN A 168 6.76 4.68 33.61
N GLU A 169 7.26 4.42 34.81
CA GLU A 169 8.58 4.93 35.19
C GLU A 169 9.66 4.42 34.25
N ARG A 170 9.68 3.11 34.02
CA ARG A 170 10.67 2.54 33.12
C ARG A 170 10.52 3.14 31.72
N ILE A 171 9.28 3.32 31.27
CA ILE A 171 9.05 3.85 29.94
C ILE A 171 9.67 5.24 29.82
N ASN A 172 9.48 6.08 30.84
CA ASN A 172 10.08 7.41 30.80
C ASN A 172 11.59 7.32 30.78
N ARG A 173 12.16 6.42 31.58
CA ARG A 173 13.61 6.26 31.60
C ARG A 173 14.13 5.91 30.22
N VAL A 174 13.47 4.98 29.55
CA VAL A 174 13.93 4.56 28.22
C VAL A 174 13.79 5.70 27.23
N ILE A 175 12.70 6.46 27.32
CA ILE A 175 12.54 7.61 26.43
C ILE A 175 13.72 8.55 26.58
N GLN A 176 14.13 8.80 27.82
CA GLN A 176 15.31 9.63 28.05
C GLN A 176 16.55 9.00 27.44
N GLU A 177 16.71 7.69 27.61
CA GLU A 177 17.91 7.02 27.13
C GLU A 177 18.05 7.16 25.62
N LEU A 178 16.96 6.95 24.90
CA LEU A 178 16.99 6.95 23.45
C LEU A 178 16.85 8.34 22.84
N GLY A 179 16.60 9.36 23.64
CA GLY A 179 16.41 10.69 23.09
C GLY A 179 15.18 10.80 22.24
N LEU A 180 14.01 10.65 22.86
CA LEU A 180 12.74 10.76 22.14
C LEU A 180 11.74 11.64 22.88
N ASP A 181 12.21 12.53 23.75
CA ASP A 181 11.30 13.37 24.52
C ASP A 181 10.47 14.26 23.61
N LYS A 182 11.07 14.77 22.53
CA LYS A 182 10.37 15.70 21.67
C LYS A 182 9.26 15.05 20.85
N VAL A 183 9.29 13.73 20.71
CA VAL A 183 8.31 13.02 19.89
C VAL A 183 7.70 11.89 20.70
N ALA A 184 7.71 12.04 22.03
CA ALA A 184 7.19 10.99 22.89
C ALA A 184 5.70 10.77 22.64
N ASP A 185 4.95 11.84 22.50
CA ASP A 185 3.51 11.74 22.32
C ASP A 185 3.07 11.98 20.88
N SER A 186 4.01 12.21 19.97
CA SER A 186 3.65 12.39 18.57
C SER A 186 3.20 11.07 17.97
N LYS A 187 2.33 11.17 16.97
CA LYS A 187 1.84 9.99 16.28
C LYS A 187 2.88 9.48 15.30
N VAL A 188 3.04 8.16 15.24
CA VAL A 188 3.93 7.53 14.29
C VAL A 188 3.30 7.61 12.92
N GLY A 189 4.07 7.30 11.88
CA GLY A 189 3.64 7.59 10.52
C GLY A 189 2.27 7.02 10.22
N THR A 190 1.47 7.82 9.52
CA THR A 190 0.19 7.38 8.96
C THR A 190 0.04 7.98 7.57
N GLN A 191 -0.86 7.39 6.78
CA GLN A 191 -1.07 7.87 5.42
C GLN A 191 -1.79 9.20 5.38
N PHE A 192 -2.40 9.62 6.49
CA PHE A 192 -3.09 10.90 6.57
C PHE A 192 -2.28 11.97 7.30
N ILE A 193 -1.59 11.59 8.38
CA ILE A 193 -0.79 12.52 9.16
C ILE A 193 0.67 12.33 8.78
N ARG A 194 1.40 13.44 8.68
CA ARG A 194 2.82 13.37 8.40
C ARG A 194 3.52 12.57 9.48
N GLY A 195 4.36 11.64 9.07
CA GLY A 195 4.98 10.74 10.02
C GLY A 195 6.25 11.31 10.63
N VAL A 196 6.55 10.79 11.82
CA VAL A 196 7.81 11.12 12.47
C VAL A 196 8.97 10.62 11.63
N SER A 197 10.15 11.18 11.90
CA SER A 197 11.33 10.83 11.13
C SER A 197 11.69 9.37 11.35
N GLY A 198 12.35 8.79 10.35
CA GLY A 198 12.68 7.37 10.41
C GLY A 198 13.51 7.01 11.62
N GLY A 199 14.44 7.90 12.01
CA GLY A 199 15.28 7.62 13.16
C GLY A 199 14.47 7.42 14.43
N GLU A 200 13.48 8.29 14.64
CA GLU A 200 12.65 8.15 15.84
C GLU A 200 11.85 6.86 15.81
N ARG A 201 11.36 6.47 14.64
CA ARG A 201 10.66 5.19 14.52
C ARG A 201 11.57 4.03 14.88
N LYS A 202 12.81 4.06 14.39
CA LYS A 202 13.74 2.99 14.69
C LYS A 202 14.03 2.92 16.18
N ARG A 203 14.26 4.07 16.80
CA ARG A 203 14.48 4.09 18.24
C ARG A 203 13.27 3.57 19.00
N THR A 204 12.07 3.81 18.48
CA THR A 204 10.88 3.26 19.11
C THR A 204 10.88 1.74 19.04
N SER A 205 11.20 1.19 17.87
CA SER A 205 11.26 -0.27 17.73
C SER A 205 12.26 -0.85 18.71
N ILE A 206 13.38 -0.14 18.92
CA ILE A 206 14.38 -0.62 19.84
C ILE A 206 13.87 -0.58 21.27
N GLY A 207 13.21 0.52 21.65
CA GLY A 207 12.74 0.66 23.01
C GLY A 207 11.69 -0.38 23.38
N MET A 208 10.82 -0.73 22.43
CA MET A 208 9.78 -1.70 22.73
C MET A 208 10.36 -3.01 23.23
N GLU A 209 11.58 -3.34 22.79
CA GLU A 209 12.26 -4.53 23.26
C GLU A 209 13.19 -4.24 24.42
N LEU A 210 13.73 -3.02 24.50
CA LEU A 210 14.66 -2.67 25.55
C LEU A 210 13.99 -2.61 26.90
N ILE A 211 12.70 -2.26 26.92
CA ILE A 211 11.98 -2.12 28.17
C ILE A 211 11.77 -3.45 28.87
N THR A 212 11.90 -4.56 28.17
CA THR A 212 11.63 -5.87 28.73
C THR A 212 12.67 -6.32 29.75
N ASP A 213 13.78 -5.61 29.87
CA ASP A 213 14.90 -6.03 30.71
C ASP A 213 15.37 -7.44 30.31
N PRO A 214 15.78 -7.63 29.06
CA PRO A 214 16.17 -8.96 28.60
C PRO A 214 17.60 -9.30 28.96
N SER A 215 17.82 -10.54 29.41
CA SER A 215 19.17 -11.03 29.65
C SER A 215 19.92 -11.30 28.36
N ILE A 216 19.21 -11.36 27.23
CA ILE A 216 19.81 -11.57 25.92
C ILE A 216 19.08 -10.68 24.93
N LEU A 217 19.83 -10.04 24.05
CA LEU A 217 19.26 -9.07 23.13
C LEU A 217 19.89 -9.22 21.75
N PHE A 218 19.03 -9.25 20.73
CA PHE A 218 19.45 -9.38 19.34
C PHE A 218 18.96 -8.17 18.56
N LEU A 219 19.82 -7.62 17.72
CA LEU A 219 19.49 -6.46 16.91
C LEU A 219 19.96 -6.66 15.49
N ASP A 220 19.09 -6.34 14.53
CA ASP A 220 19.42 -6.40 13.11
C ASP A 220 19.49 -4.98 12.60
N GLU A 221 20.71 -4.50 12.38
CA GLU A 221 20.93 -3.15 11.89
C GLU A 221 20.24 -2.16 12.81
N PRO A 222 20.69 -2.03 14.06
CA PRO A 222 20.07 -1.08 14.96
C PRO A 222 20.19 0.35 14.50
N THR A 223 21.19 0.65 13.67
CA THR A 223 21.51 2.02 13.27
C THR A 223 21.55 2.07 11.74
N THR A 224 20.39 2.26 11.14
CA THR A 224 20.27 2.43 9.70
C THR A 224 19.54 3.74 9.44
N GLY A 225 20.25 4.73 8.90
CA GLY A 225 19.71 6.04 8.65
C GLY A 225 19.92 7.03 9.77
N LEU A 226 20.21 6.57 10.98
CA LEU A 226 20.46 7.48 12.09
C LEU A 226 21.71 8.30 11.83
N ASP A 227 21.65 9.58 12.19
CA ASP A 227 22.83 10.42 12.11
C ASP A 227 23.89 9.93 13.10
N SER A 228 25.13 10.37 12.87
CA SER A 228 26.25 9.81 13.62
C SER A 228 26.08 10.01 15.11
N SER A 229 25.63 11.20 15.53
CA SER A 229 25.54 11.48 16.96
C SER A 229 24.54 10.55 17.65
N THR A 230 23.36 10.40 17.08
CA THR A 230 22.35 9.52 17.67
C THR A 230 22.85 8.07 17.68
N ALA A 231 23.49 7.64 16.60
CA ALA A 231 24.00 6.28 16.55
C ALA A 231 25.05 6.06 17.63
N ASN A 232 25.95 7.03 17.79
CA ASN A 232 26.94 6.95 18.85
C ASN A 232 26.27 6.85 20.22
N ALA A 233 25.24 7.66 20.44
CA ALA A 233 24.51 7.58 21.70
C ALA A 233 23.92 6.20 21.92
N VAL A 234 23.30 5.65 20.88
CA VAL A 234 22.66 4.35 20.99
C VAL A 234 23.68 3.28 21.37
N LEU A 235 24.81 3.25 20.67
CA LEU A 235 25.79 2.20 20.94
C LEU A 235 26.47 2.38 22.28
N LEU A 236 26.72 3.62 22.69
CA LEU A 236 27.25 3.83 24.03
C LEU A 236 26.28 3.31 25.07
N LEU A 237 24.98 3.51 24.84
CA LEU A 237 23.99 2.95 25.73
C LEU A 237 24.08 1.44 25.78
N LEU A 238 24.19 0.81 24.62
CA LEU A 238 24.26 -0.65 24.58
C LEU A 238 25.47 -1.15 25.33
N LYS A 239 26.61 -0.48 25.16
CA LYS A 239 27.82 -0.89 25.87
C LYS A 239 27.63 -0.75 27.37
N ARG A 240 27.09 0.39 27.81
CA ARG A 240 26.86 0.59 29.23
C ARG A 240 25.96 -0.49 29.80
N MET A 241 24.99 -0.95 29.02
CA MET A 241 24.10 -2.00 29.47
C MET A 241 24.77 -3.36 29.46
N SER A 242 25.59 -3.62 28.43
CA SER A 242 26.27 -4.89 28.28
C SER A 242 27.37 -5.09 29.31
N LYS A 243 27.77 -4.04 30.01
CA LYS A 243 28.75 -4.19 31.09
C LYS A 243 28.10 -4.58 32.41
N GLN A 244 26.91 -5.18 32.36
CA GLN A 244 26.24 -5.67 33.55
C GLN A 244 25.89 -7.15 33.46
N GLY A 245 26.18 -7.82 32.36
CA GLY A 245 25.87 -9.21 32.16
C GLY A 245 24.96 -9.49 30.99
N ARG A 246 24.27 -8.47 30.47
CA ARG A 246 23.44 -8.67 29.29
C ARG A 246 24.32 -9.06 28.12
N THR A 247 23.93 -10.13 27.43
CA THR A 247 24.65 -10.62 26.26
C THR A 247 24.00 -10.04 25.02
N ILE A 248 24.70 -9.15 24.33
CA ILE A 248 24.17 -8.46 23.16
C ILE A 248 24.78 -9.04 21.90
N ILE A 249 23.95 -9.20 20.88
CA ILE A 249 24.38 -9.67 19.57
C ILE A 249 23.69 -8.79 18.54
N PHE A 250 24.47 -8.17 17.65
CA PHE A 250 23.89 -7.27 16.67
C PHE A 250 24.69 -7.25 15.39
N SER A 251 24.00 -6.92 14.31
CA SER A 251 24.62 -6.61 13.03
C SER A 251 24.81 -5.11 12.90
N ILE A 252 25.60 -4.71 11.91
CA ILE A 252 25.92 -3.29 11.76
C ILE A 252 26.59 -3.03 10.42
N HIS A 253 26.44 -1.81 9.93
CA HIS A 253 27.07 -1.37 8.69
C HIS A 253 27.88 -0.10 8.96
N GLN A 254 29.12 -0.09 8.50
CA GLN A 254 29.95 1.11 8.53
C GLN A 254 30.06 1.70 9.94
N PRO A 255 30.62 0.96 10.89
CA PRO A 255 30.95 1.57 12.18
C PRO A 255 32.10 2.55 12.06
N ARG A 256 32.20 3.42 13.06
CA ARG A 256 33.38 4.27 13.18
C ARG A 256 34.29 3.73 14.28
N TYR A 257 35.55 4.20 14.27
CA TYR A 257 36.61 3.57 15.04
C TYR A 257 36.29 3.58 16.53
N SER A 258 35.77 4.69 17.05
CA SER A 258 35.41 4.72 18.46
C SER A 258 34.44 3.61 18.79
N ILE A 259 33.45 3.39 17.92
CA ILE A 259 32.55 2.26 18.11
C ILE A 259 33.33 0.95 18.09
N PHE A 260 34.20 0.79 17.09
CA PHE A 260 34.91 -0.47 16.92
C PHE A 260 35.73 -0.84 18.13
N LYS A 261 36.18 0.15 18.90
CA LYS A 261 36.89 -0.16 20.14
C LYS A 261 35.96 -0.68 21.22
N LEU A 262 34.66 -0.43 21.09
CA LEU A 262 33.71 -0.89 22.10
C LEU A 262 33.48 -2.38 22.04
N PHE A 263 33.77 -3.03 20.91
CA PHE A 263 33.45 -4.43 20.75
C PHE A 263 34.24 -5.30 21.71
N ASP A 264 33.71 -6.49 21.94
CA ASP A 264 34.34 -7.52 22.75
C ASP A 264 34.51 -8.82 21.99
N SER A 265 33.60 -9.11 21.07
CA SER A 265 33.71 -10.26 20.17
C SER A 265 33.24 -9.84 18.80
N LEU A 266 33.84 -10.42 17.77
CA LEU A 266 33.57 -10.05 16.39
C LEU A 266 33.27 -11.29 15.56
N THR A 267 32.32 -11.15 14.65
CA THR A 267 32.00 -12.17 13.67
C THR A 267 31.90 -11.53 12.30
N LEU A 268 32.44 -12.21 11.29
CA LEU A 268 32.54 -11.65 9.94
C LEU A 268 31.97 -12.64 8.94
N LEU A 269 30.70 -12.47 8.63
CA LEU A 269 30.03 -13.32 7.65
C LEU A 269 30.24 -12.78 6.24
N ALA A 270 30.34 -13.71 5.29
CA ALA A 270 30.46 -13.35 3.89
C ALA A 270 30.08 -14.51 3.00
N SER A 271 29.02 -14.35 2.19
CA SER A 271 28.53 -15.41 1.32
C SER A 271 28.31 -16.70 2.10
N GLY A 272 27.69 -16.58 3.26
CA GLY A 272 27.47 -17.74 4.12
C GLY A 272 28.66 -18.17 4.91
N ARG A 273 29.83 -18.23 4.29
CA ARG A 273 31.01 -18.73 4.96
C ARG A 273 31.44 -17.77 6.08
N LEU A 274 32.16 -18.33 7.04
CA LEU A 274 32.72 -17.55 8.14
C LEU A 274 34.15 -17.18 7.81
N MET A 275 34.44 -15.88 7.80
CA MET A 275 35.79 -15.43 7.51
C MET A 275 36.63 -15.36 8.78
N PHE A 276 36.11 -14.74 9.83
CA PHE A 276 36.86 -14.60 11.06
C PHE A 276 35.89 -14.52 12.24
N HIS A 277 36.30 -15.09 13.36
CA HIS A 277 35.57 -14.99 14.61
C HIS A 277 36.56 -15.00 15.77
N GLY A 278 36.46 -13.99 16.63
CA GLY A 278 37.34 -13.86 17.76
C GLY A 278 37.29 -12.46 18.31
N PRO A 279 38.24 -12.14 19.19
CA PRO A 279 38.26 -10.79 19.77
C PRO A 279 38.44 -9.73 18.70
N ALA A 280 37.84 -8.57 18.95
CA ALA A 280 37.92 -7.48 17.97
C ALA A 280 39.35 -7.05 17.72
N GLN A 281 40.15 -6.96 18.79
CA GLN A 281 41.50 -6.42 18.65
C GLN A 281 42.36 -7.31 17.77
N GLU A 282 42.29 -8.62 17.96
CA GLU A 282 43.19 -9.54 17.28
C GLU A 282 42.88 -9.72 15.80
N ALA A 283 41.73 -9.24 15.33
CA ALA A 283 41.37 -9.43 13.93
C ALA A 283 42.38 -8.76 13.00
N LEU A 284 42.76 -7.53 13.33
CA LEU A 284 43.68 -6.80 12.46
C LEU A 284 45.01 -7.54 12.33
N GLY A 285 45.56 -8.00 13.46
CA GLY A 285 46.79 -8.75 13.41
C GLY A 285 46.65 -10.06 12.67
N TYR A 286 45.49 -10.72 12.83
CA TYR A 286 45.26 -11.96 12.11
C TYR A 286 45.39 -11.73 10.61
N PHE A 287 44.75 -10.69 10.10
CA PHE A 287 44.89 -10.37 8.68
C PHE A 287 46.32 -9.94 8.37
N GLU A 288 46.92 -9.13 9.23
CA GLU A 288 48.27 -8.63 9.01
C GLU A 288 49.22 -9.78 8.73
N SER A 289 49.14 -10.83 9.55
CA SER A 289 49.99 -12.00 9.36
C SER A 289 49.79 -12.58 7.97
N ALA A 290 48.54 -12.83 7.59
CA ALA A 290 48.26 -13.40 6.28
C ALA A 290 48.57 -12.42 5.16
N GLY A 291 48.32 -11.13 5.39
CA GLY A 291 48.57 -10.17 4.34
C GLY A 291 48.00 -8.79 4.61
N TYR A 292 47.91 -7.98 3.56
CA TYR A 292 47.12 -6.77 3.62
C TYR A 292 47.61 -5.88 4.76
N HIS A 293 48.84 -5.40 4.62
CA HIS A 293 49.57 -4.69 5.66
C HIS A 293 48.98 -3.33 5.95
N CYS A 294 47.77 -3.24 6.51
CA CYS A 294 46.85 -2.13 6.20
C CYS A 294 47.64 -0.83 6.25
N GLU A 295 47.99 -0.34 7.44
CA GLU A 295 49.03 0.67 7.57
C GLU A 295 48.67 1.93 6.78
N ALA A 296 47.46 1.94 6.19
CA ALA A 296 47.05 3.07 5.35
C ALA A 296 45.58 3.42 5.58
N TYR A 297 44.70 2.42 5.66
CA TYR A 297 43.31 2.69 6.00
C TYR A 297 43.21 3.27 7.40
N ASN A 298 42.20 4.10 7.63
CA ASN A 298 42.00 4.76 8.91
C ASN A 298 41.02 3.99 9.80
N ASN A 299 39.95 3.47 9.21
CA ASN A 299 38.92 2.77 9.96
C ASN A 299 39.01 1.29 9.65
N PRO A 300 39.34 0.44 10.62
CA PRO A 300 39.56 -0.98 10.31
C PRO A 300 38.38 -1.66 9.66
N ALA A 301 37.15 -1.23 9.96
CA ALA A 301 35.98 -1.87 9.35
C ALA A 301 36.04 -1.79 7.84
N ASP A 302 36.36 -0.61 7.30
CA ASP A 302 36.47 -0.46 5.86
C ASP A 302 37.55 -1.38 5.32
N PHE A 303 38.65 -1.51 6.05
CA PHE A 303 39.72 -2.39 5.62
C PHE A 303 39.25 -3.84 5.55
N PHE A 304 38.49 -4.27 6.55
CA PHE A 304 38.04 -5.66 6.57
C PHE A 304 37.13 -5.95 5.38
N LEU A 305 36.24 -5.01 5.05
CA LEU A 305 35.37 -5.23 3.90
C LEU A 305 36.08 -5.09 2.57
N ASP A 306 37.11 -4.25 2.50
CA ASP A 306 37.84 -4.09 1.25
C ASP A 306 38.55 -5.35 0.84
N ILE A 307 38.74 -6.30 1.75
CA ILE A 307 39.31 -7.58 1.39
C ILE A 307 38.24 -8.57 0.93
N ILE A 308 37.06 -8.55 1.54
CA ILE A 308 35.97 -9.39 1.05
C ILE A 308 35.60 -8.99 -0.37
N ASN A 309 35.53 -7.69 -0.63
CA ASN A 309 35.12 -7.18 -1.93
C ASN A 309 36.27 -7.12 -2.93
N GLY A 310 37.40 -7.75 -2.62
CA GLY A 310 38.49 -7.88 -3.56
C GLY A 310 39.42 -6.69 -3.66
N ASP A 311 39.18 -5.62 -2.91
CA ASP A 311 40.04 -4.45 -2.95
C ASP A 311 41.29 -4.67 -2.11
N LYS A 336 41.02 -20.96 -5.56
CA LYS A 336 41.12 -19.81 -6.44
C LYS A 336 40.14 -18.70 -6.04
N PRO A 337 38.87 -19.03 -5.85
CA PRO A 337 37.89 -17.99 -5.49
C PRO A 337 38.29 -17.29 -4.21
N LEU A 338 38.07 -15.98 -4.17
CA LEU A 338 38.54 -15.18 -3.04
C LEU A 338 37.88 -15.62 -1.75
N ILE A 339 36.58 -15.87 -1.79
CA ILE A 339 35.85 -16.24 -0.58
C ILE A 339 36.40 -17.53 0.00
N GLU A 340 36.53 -18.56 -0.85
CA GLU A 340 36.98 -19.86 -0.36
C GLU A 340 38.39 -19.77 0.20
N LYS A 341 39.24 -18.99 -0.46
CA LYS A 341 40.62 -18.85 -0.01
C LYS A 341 40.67 -18.32 1.42
N LEU A 342 39.96 -17.23 1.69
CA LEU A 342 39.95 -16.66 3.03
C LEU A 342 39.37 -17.64 4.03
N ALA A 343 38.27 -18.31 3.68
CA ALA A 343 37.63 -19.21 4.63
C ALA A 343 38.57 -20.35 5.01
N GLU A 344 39.32 -20.87 4.04
CA GLU A 344 40.26 -21.94 4.33
C GLU A 344 41.43 -21.42 5.17
N ILE A 345 41.85 -20.18 4.92
CA ILE A 345 42.84 -19.59 5.80
C ILE A 345 42.34 -19.56 7.22
N TYR A 346 41.07 -19.25 7.42
CA TYR A 346 40.51 -19.23 8.77
C TYR A 346 40.52 -20.61 9.40
N VAL A 347 39.95 -21.61 8.71
CA VAL A 347 39.92 -22.95 9.29
C VAL A 347 41.31 -23.48 9.58
N ASN A 348 42.33 -22.89 8.97
CA ASN A 348 43.71 -23.23 9.29
C ASN A 348 44.28 -22.31 10.37
N SER A 349 43.46 -21.45 10.93
CA SER A 349 43.90 -20.51 11.96
C SER A 349 43.78 -21.13 13.34
N SER A 350 44.59 -20.61 14.27
CA SER A 350 44.52 -21.08 15.65
C SER A 350 43.17 -20.82 16.27
N PHE A 351 42.51 -19.74 15.89
CA PHE A 351 41.25 -19.36 16.50
C PHE A 351 40.21 -20.47 16.32
N TYR A 352 40.11 -21.00 15.10
CA TYR A 352 39.11 -22.03 14.82
C TYR A 352 39.43 -23.30 15.60
N LYS A 353 40.70 -23.68 15.67
CA LYS A 353 41.06 -24.84 16.47
C LYS A 353 40.61 -24.65 17.91
N GLU A 354 40.87 -23.47 18.48
CA GLU A 354 40.50 -23.22 19.87
C GLU A 354 39.00 -23.31 20.07
N THR A 355 38.23 -22.71 19.17
CA THR A 355 36.78 -22.68 19.37
C THR A 355 36.17 -24.05 19.14
N LYS A 356 36.72 -24.83 18.20
CA LYS A 356 36.27 -26.21 18.05
C LYS A 356 36.54 -27.00 19.32
N ALA A 357 37.72 -26.81 19.90
CA ALA A 357 38.03 -27.47 21.17
C ALA A 357 36.99 -27.13 22.24
N GLU A 358 36.72 -25.83 22.41
CA GLU A 358 35.77 -25.42 23.45
C GLU A 358 34.38 -25.95 23.16
N LEU A 359 33.95 -25.91 21.91
CA LEU A 359 32.62 -26.40 21.57
C LEU A 359 32.49 -27.88 21.89
N HIS A 360 33.49 -28.67 21.51
CA HIS A 360 33.41 -30.10 21.78
C HIS A 360 33.46 -30.37 23.28
N GLN A 361 34.26 -29.60 24.01
CA GLN A 361 34.32 -29.79 25.46
C GLN A 361 32.98 -29.50 26.12
N LEU A 362 32.38 -28.35 25.79
CA LEU A 362 31.09 -28.02 26.38
C LEU A 362 30.03 -29.02 26.00
N SER A 363 30.01 -29.44 24.74
CA SER A 363 29.03 -30.40 24.26
C SER A 363 29.35 -31.80 24.76
N TYR A 379 2.74 -18.98 29.37
CA TYR A 379 2.93 -17.58 29.02
C TYR A 379 3.02 -16.71 30.28
N THR A 380 3.54 -15.49 30.11
CA THR A 380 3.72 -14.59 31.24
C THR A 380 2.38 -14.18 31.85
N THR A 381 1.45 -13.74 31.01
CA THR A 381 0.24 -13.07 31.45
C THR A 381 -0.98 -13.83 30.96
N SER A 382 -2.01 -13.85 31.81
CA SER A 382 -3.16 -14.70 31.57
C SER A 382 -3.89 -14.31 30.28
N PHE A 383 -5.01 -14.99 30.04
CA PHE A 383 -5.78 -14.78 28.83
C PHE A 383 -6.49 -13.43 28.85
N CYS A 384 -7.14 -13.10 29.97
CA CYS A 384 -7.97 -11.91 30.03
C CYS A 384 -7.14 -10.66 29.77
N HIS A 385 -5.96 -10.59 30.37
CA HIS A 385 -5.12 -9.40 30.21
C HIS A 385 -4.76 -9.19 28.74
N GLN A 386 -4.36 -10.26 28.07
CA GLN A 386 -4.03 -10.18 26.66
C GLN A 386 -5.23 -9.70 25.87
N LEU A 387 -6.39 -10.27 26.15
CA LEU A 387 -7.59 -9.91 25.42
C LEU A 387 -7.90 -8.42 25.55
N ARG A 388 -7.83 -7.92 26.78
CA ARG A 388 -8.18 -6.52 27.02
C ARG A 388 -7.24 -5.60 26.28
N TRP A 389 -5.94 -5.84 26.36
CA TRP A 389 -5.00 -4.90 25.78
C TRP A 389 -5.03 -4.95 24.26
N VAL A 390 -5.24 -6.14 23.68
CA VAL A 390 -5.39 -6.22 22.24
C VAL A 390 -6.62 -5.44 21.79
N SER A 391 -7.73 -5.60 22.50
CA SER A 391 -8.95 -4.90 22.13
C SER A 391 -8.77 -3.40 22.20
N LYS A 392 -8.06 -2.91 23.22
CA LYS A 392 -7.82 -1.48 23.32
C LYS A 392 -6.98 -0.97 22.16
N ARG A 393 -5.92 -1.69 21.82
CA ARG A 393 -5.12 -1.30 20.67
C ARG A 393 -5.95 -1.23 19.40
N SER A 394 -6.87 -2.17 19.22
CA SER A 394 -7.72 -2.14 18.03
C SER A 394 -8.74 -1.03 18.08
N PHE A 395 -9.27 -0.71 19.26
CA PHE A 395 -10.10 0.48 19.40
C PHE A 395 -9.37 1.68 18.82
N LYS A 396 -8.13 1.88 19.27
CA LYS A 396 -7.40 3.08 18.88
C LYS A 396 -7.07 3.07 17.40
N ASN A 397 -6.64 1.93 16.87
CA ASN A 397 -6.30 1.87 15.45
C ASN A 397 -7.52 2.15 14.59
N LEU A 398 -8.66 1.58 14.95
CA LEU A 398 -9.87 1.77 14.16
C LEU A 398 -10.33 3.22 14.20
N LEU A 399 -10.35 3.82 15.39
CA LEU A 399 -10.73 5.22 15.49
C LEU A 399 -9.74 6.12 14.77
N GLY A 400 -8.49 5.69 14.65
CA GLY A 400 -7.48 6.46 13.97
C GLY A 400 -7.37 6.21 12.48
N ASN A 401 -8.16 5.27 11.96
CA ASN A 401 -8.17 4.94 10.55
C ASN A 401 -9.52 5.35 9.98
N PRO A 402 -9.73 6.62 9.64
CA PRO A 402 -11.10 7.11 9.44
C PRO A 402 -11.63 6.83 8.05
N GLN A 403 -11.48 5.59 7.60
CA GLN A 403 -12.07 5.16 6.34
C GLN A 403 -12.91 3.90 6.47
N ALA A 404 -12.93 3.27 7.64
CA ALA A 404 -13.75 2.11 7.90
C ALA A 404 -14.75 2.33 9.02
N SER A 405 -14.63 3.42 9.78
CA SER A 405 -15.53 3.67 10.89
C SER A 405 -16.38 4.90 10.66
N ILE A 406 -15.74 6.05 10.49
CA ILE A 406 -16.48 7.30 10.40
C ILE A 406 -17.06 7.48 9.02
N ALA A 407 -16.27 7.19 7.98
CA ALA A 407 -16.80 7.25 6.64
C ALA A 407 -17.96 6.29 6.46
N GLN A 408 -17.82 5.08 7.01
CA GLN A 408 -18.87 4.09 6.88
C GLN A 408 -20.15 4.54 7.56
N ILE A 409 -20.03 5.06 8.79
CA ILE A 409 -21.21 5.53 9.49
C ILE A 409 -21.88 6.67 8.72
N ILE A 410 -21.08 7.62 8.24
CA ILE A 410 -21.66 8.78 7.58
C ILE A 410 -22.37 8.37 6.30
N VAL A 411 -21.73 7.53 5.49
CA VAL A 411 -22.37 7.12 4.24
C VAL A 411 -23.62 6.33 4.55
N THR A 412 -23.62 5.54 5.62
CA THR A 412 -24.81 4.82 6.01
C THR A 412 -25.95 5.78 6.31
N VAL A 413 -25.66 6.85 7.06
CA VAL A 413 -26.70 7.81 7.41
C VAL A 413 -27.23 8.49 6.16
N VAL A 414 -26.33 8.93 5.29
CA VAL A 414 -26.76 9.63 4.08
C VAL A 414 -27.62 8.73 3.22
N LEU A 415 -27.20 7.47 3.05
CA LEU A 415 -27.99 6.53 2.27
C LEU A 415 -29.36 6.32 2.90
N GLY A 416 -29.42 6.19 4.22
CA GLY A 416 -30.70 5.99 4.87
C GLY A 416 -31.65 7.13 4.60
N LEU A 417 -31.16 8.36 4.72
CA LEU A 417 -32.01 9.52 4.47
C LEU A 417 -32.45 9.58 3.01
N VAL A 418 -31.52 9.32 2.09
CA VAL A 418 -31.86 9.40 0.68
C VAL A 418 -32.91 8.36 0.34
N ILE A 419 -32.71 7.13 0.79
CA ILE A 419 -33.70 6.07 0.60
C ILE A 419 -35.03 6.51 1.17
N GLY A 420 -35.03 7.08 2.37
CA GLY A 420 -36.28 7.51 2.96
C GLY A 420 -37.01 8.52 2.09
N ALA A 421 -36.26 9.43 1.47
CA ALA A 421 -36.89 10.43 0.63
C ALA A 421 -37.40 9.83 -0.67
N ILE A 422 -36.66 8.86 -1.23
CA ILE A 422 -37.00 8.32 -2.53
C ILE A 422 -38.26 7.47 -2.44
N TYR A 423 -38.23 6.42 -1.63
CA TYR A 423 -39.32 5.48 -1.50
C TYR A 423 -40.41 5.98 -0.57
N PHE A 424 -40.39 7.27 -0.24
CA PHE A 424 -41.32 7.81 0.74
C PHE A 424 -42.75 7.52 0.32
N GLY A 425 -43.56 7.16 1.32
CA GLY A 425 -44.97 6.94 1.11
C GLY A 425 -45.25 5.77 0.19
N LEU A 426 -44.78 4.59 0.57
CA LEU A 426 -45.09 3.39 -0.20
C LEU A 426 -46.58 3.17 -0.21
N LYS A 427 -47.10 2.79 -1.38
CA LYS A 427 -48.52 2.64 -1.58
C LYS A 427 -48.87 1.19 -1.91
N ASN A 428 -50.02 0.75 -1.39
CA ASN A 428 -50.56 -0.57 -1.72
C ASN A 428 -51.27 -0.47 -3.06
N ASP A 429 -50.45 -0.33 -4.10
CA ASP A 429 -50.94 -0.19 -5.47
C ASP A 429 -50.10 -1.10 -6.34
N SER A 430 -50.17 -0.89 -7.65
CA SER A 430 -49.43 -1.74 -8.58
C SER A 430 -47.93 -1.66 -8.32
N THR A 431 -47.43 -0.46 -8.05
CA THR A 431 -46.01 -0.24 -7.87
C THR A 431 -45.48 -0.68 -6.51
N GLY A 432 -46.36 -1.08 -5.59
CA GLY A 432 -45.90 -1.37 -4.25
C GLY A 432 -44.88 -2.48 -4.20
N ILE A 433 -45.12 -3.54 -4.98
CA ILE A 433 -44.28 -4.73 -4.92
C ILE A 433 -42.86 -4.39 -5.35
N GLN A 434 -42.73 -3.70 -6.48
CA GLN A 434 -41.41 -3.41 -7.01
C GLN A 434 -40.59 -2.59 -6.03
N ASN A 435 -41.18 -1.51 -5.51
CA ASN A 435 -40.46 -0.66 -4.58
C ASN A 435 -40.08 -1.42 -3.32
N ARG A 436 -41.01 -2.17 -2.75
CA ARG A 436 -40.74 -2.86 -1.51
C ARG A 436 -39.59 -3.85 -1.68
N ALA A 437 -39.68 -4.70 -2.69
CA ALA A 437 -38.63 -5.69 -2.91
C ALA A 437 -37.30 -5.01 -3.19
N GLY A 438 -37.31 -3.91 -3.94
CA GLY A 438 -36.07 -3.24 -4.26
C GLY A 438 -35.37 -2.69 -3.03
N VAL A 439 -36.12 -2.03 -2.16
CA VAL A 439 -35.50 -1.44 -0.98
C VAL A 439 -34.91 -2.54 -0.10
N LEU A 440 -35.65 -3.63 0.09
CA LEU A 440 -35.13 -4.71 0.92
C LEU A 440 -33.86 -5.29 0.34
N PHE A 441 -33.85 -5.49 -0.98
CA PHE A 441 -32.68 -6.03 -1.65
C PHE A 441 -31.47 -5.11 -1.46
N PHE A 442 -31.70 -3.80 -1.59
CA PHE A 442 -30.59 -2.86 -1.47
C PHE A 442 -29.98 -2.90 -0.08
N LEU A 443 -30.83 -2.88 0.95
CA LEU A 443 -30.31 -2.92 2.31
C LEU A 443 -29.47 -4.18 2.52
N THR A 444 -29.99 -5.31 2.06
CA THR A 444 -29.28 -6.57 2.23
C THR A 444 -27.90 -6.52 1.58
N THR A 445 -27.84 -6.11 0.31
CA THR A 445 -26.57 -6.07 -0.39
C THR A 445 -25.60 -5.12 0.27
N ASN A 446 -26.07 -3.94 0.67
CA ASN A 446 -25.17 -2.97 1.27
C ASN A 446 -24.56 -3.52 2.54
N GLN A 447 -25.35 -4.21 3.35
CA GLN A 447 -24.78 -4.84 4.54
C GLN A 447 -23.74 -5.87 4.15
N CYS A 448 -23.99 -6.64 3.09
CA CYS A 448 -23.07 -7.70 2.72
C CYS A 448 -21.75 -7.14 2.21
N PHE A 449 -21.81 -6.09 1.41
CA PHE A 449 -20.63 -5.55 0.74
C PHE A 449 -19.86 -4.54 1.58
N SER A 450 -20.33 -4.23 2.78
CA SER A 450 -19.70 -3.24 3.63
C SER A 450 -18.65 -3.85 4.54
N SER A 451 -18.39 -5.15 4.39
CA SER A 451 -17.46 -5.85 5.26
C SER A 451 -16.06 -5.95 4.66
N VAL A 452 -15.90 -5.61 3.39
CA VAL A 452 -14.60 -5.71 2.75
C VAL A 452 -13.59 -4.80 3.44
N SER A 453 -14.01 -3.58 3.76
CA SER A 453 -13.09 -2.62 4.35
C SER A 453 -12.53 -3.10 5.67
N ALA A 454 -13.40 -3.60 6.56
CA ALA A 454 -12.97 -3.98 7.90
C ALA A 454 -11.94 -5.10 7.86
N VAL A 455 -12.20 -6.13 7.06
CA VAL A 455 -11.29 -7.27 6.98
C VAL A 455 -9.96 -6.83 6.39
N GLU A 456 -9.98 -5.87 5.48
CA GLU A 456 -8.76 -5.43 4.82
C GLU A 456 -7.77 -4.91 5.86
N LEU A 457 -8.25 -4.16 6.84
CA LEU A 457 -7.39 -3.77 7.95
C LEU A 457 -6.88 -4.96 8.73
N PHE A 458 -7.55 -6.10 8.64
CA PHE A 458 -7.10 -7.30 9.33
C PHE A 458 -6.02 -8.01 8.54
N VAL A 459 -6.02 -7.81 7.22
CA VAL A 459 -5.03 -8.44 6.35
C VAL A 459 -3.67 -7.78 6.53
N VAL A 460 -3.62 -6.46 6.52
CA VAL A 460 -2.35 -5.74 6.51
C VAL A 460 -1.53 -6.08 7.75
N GLU A 461 -2.21 -6.35 8.87
CA GLU A 461 -1.51 -6.59 10.12
C GLU A 461 -0.86 -7.97 10.19
N LYS A 462 -1.06 -8.81 9.17
CA LYS A 462 -0.51 -10.15 9.17
C LYS A 462 0.93 -10.18 9.66
N LYS A 463 1.79 -9.43 8.99
CA LYS A 463 3.22 -9.45 9.32
C LYS A 463 3.44 -9.04 10.77
N LEU A 464 2.78 -7.96 11.19
CA LEU A 464 2.88 -7.52 12.56
C LEU A 464 2.44 -8.60 13.53
N PHE A 465 1.34 -9.28 13.21
CA PHE A 465 0.84 -10.32 14.10
C PHE A 465 1.86 -11.43 14.25
N ILE A 466 2.48 -11.84 13.14
CA ILE A 466 3.45 -12.91 13.21
C ILE A 466 4.63 -12.53 14.09
N HIS A 467 5.14 -11.31 13.88
CA HIS A 467 6.28 -10.87 14.69
C HIS A 467 5.92 -10.84 16.17
N GLU A 468 4.76 -10.29 16.50
CA GLU A 468 4.36 -10.19 17.90
C GLU A 468 4.09 -11.57 18.49
N TYR A 469 3.61 -12.52 17.71
CA TYR A 469 3.38 -13.84 18.25
C TYR A 469 4.69 -14.52 18.59
N ILE A 470 5.64 -14.48 17.65
CA ILE A 470 6.92 -15.13 17.89
C ILE A 470 7.61 -14.51 19.08
N SER A 471 7.62 -13.18 19.15
CA SER A 471 8.31 -12.50 20.22
C SER A 471 7.78 -12.94 21.58
N GLY A 472 6.55 -13.40 21.65
CA GLY A 472 5.96 -13.90 22.87
C GLY A 472 4.90 -13.02 23.49
N TYR A 473 4.26 -12.14 22.72
CA TYR A 473 3.26 -11.25 23.30
C TYR A 473 2.03 -12.01 23.74
N TYR A 474 1.25 -12.50 22.79
CA TYR A 474 -0.08 -13.04 23.05
C TYR A 474 -0.23 -14.38 22.36
N ARG A 475 -1.24 -15.12 22.81
CA ARG A 475 -1.63 -16.34 22.14
C ARG A 475 -2.39 -16.00 20.86
N VAL A 476 -2.70 -17.03 20.09
CA VAL A 476 -3.53 -16.84 18.91
C VAL A 476 -4.96 -16.53 19.31
N SER A 477 -5.52 -17.33 20.21
CA SER A 477 -6.91 -17.16 20.60
C SER A 477 -7.18 -15.75 21.09
N SER A 478 -6.25 -15.19 21.87
CA SER A 478 -6.43 -13.85 22.39
C SER A 478 -6.53 -12.84 21.27
N TYR A 479 -5.60 -12.91 20.31
CA TYR A 479 -5.60 -11.95 19.22
C TYR A 479 -6.89 -12.04 18.43
N PHE A 480 -7.35 -13.27 18.16
CA PHE A 480 -8.59 -13.47 17.44
C PHE A 480 -9.74 -12.80 18.16
N LEU A 481 -10.03 -13.24 19.38
CA LEU A 481 -11.18 -12.72 20.10
C LEU A 481 -11.09 -11.23 20.32
N GLY A 482 -9.88 -10.71 20.51
CA GLY A 482 -9.71 -9.29 20.71
C GLY A 482 -10.13 -8.51 19.49
N LYS A 483 -9.60 -8.91 18.34
CA LYS A 483 -9.98 -8.22 17.12
C LYS A 483 -11.47 -8.35 16.85
N LEU A 484 -12.07 -9.45 17.27
CA LEU A 484 -13.51 -9.61 17.08
C LEU A 484 -14.29 -8.65 17.95
N LEU A 485 -14.04 -8.67 19.26
CA LEU A 485 -14.77 -7.81 20.17
C LEU A 485 -14.46 -6.34 19.95
N SER A 486 -13.44 -6.03 19.16
CA SER A 486 -13.10 -4.63 18.93
C SER A 486 -13.63 -4.11 17.60
N ASP A 487 -13.58 -4.94 16.56
CA ASP A 487 -13.92 -4.51 15.22
C ASP A 487 -15.23 -5.11 14.72
N LEU A 488 -15.33 -6.44 14.73
CA LEU A 488 -16.48 -7.09 14.11
C LEU A 488 -17.77 -6.78 14.85
N LEU A 489 -17.73 -6.84 16.18
CA LEU A 489 -18.96 -6.70 16.95
C LEU A 489 -19.47 -5.27 16.97
N PRO A 490 -18.72 -4.29 17.43
CA PRO A 490 -19.28 -2.96 17.65
C PRO A 490 -19.73 -2.28 16.38
N MET A 491 -18.82 -2.20 15.41
CA MET A 491 -19.05 -1.34 14.25
C MET A 491 -20.09 -1.93 13.32
N ARG A 492 -20.15 -3.25 13.22
CA ARG A 492 -21.07 -3.88 12.27
C ARG A 492 -22.50 -3.85 12.77
N MET A 493 -22.69 -3.69 14.08
CA MET A 493 -24.04 -3.72 14.65
C MET A 493 -24.78 -2.43 14.39
N LEU A 494 -24.08 -1.31 14.44
CA LEU A 494 -24.72 0.00 14.36
C LEU A 494 -25.44 0.25 13.05
N PRO A 495 -24.85 0.00 11.89
CA PRO A 495 -25.52 0.31 10.62
C PRO A 495 -26.95 -0.19 10.54
N SER A 496 -27.21 -1.42 10.98
CA SER A 496 -28.57 -1.93 10.94
C SER A 496 -29.50 -1.08 11.78
N ILE A 497 -29.06 -0.69 12.97
CA ILE A 497 -29.91 0.11 13.85
C ILE A 497 -30.25 1.43 13.18
N ILE A 498 -29.24 2.11 12.66
CA ILE A 498 -29.47 3.40 12.04
C ILE A 498 -30.36 3.26 10.83
N PHE A 499 -30.04 2.32 9.95
CA PHE A 499 -30.83 2.09 8.74
C PHE A 499 -32.29 1.89 9.08
N THR A 500 -32.58 0.98 10.01
CA THR A 500 -33.96 0.66 10.33
C THR A 500 -34.66 1.84 10.98
N CYS A 501 -34.02 2.47 11.96
CA CYS A 501 -34.65 3.57 12.67
C CYS A 501 -35.09 4.66 11.70
N ILE A 502 -34.23 4.98 10.74
CA ILE A 502 -34.56 6.03 9.78
C ILE A 502 -35.60 5.53 8.79
N VAL A 503 -35.38 4.37 8.20
CA VAL A 503 -36.14 3.94 7.04
C VAL A 503 -37.57 3.57 7.40
N TYR A 504 -37.74 2.79 8.46
CA TYR A 504 -38.97 2.04 8.65
C TYR A 504 -40.19 2.95 8.66
N PHE A 505 -40.09 4.08 9.35
CA PHE A 505 -41.25 4.93 9.55
C PHE A 505 -41.42 5.96 8.45
N MET A 506 -40.35 6.31 7.75
CA MET A 506 -40.49 7.20 6.61
C MET A 506 -41.20 6.49 5.46
N LEU A 507 -40.75 5.28 5.13
CA LEU A 507 -41.36 4.56 4.01
C LEU A 507 -42.81 4.21 4.30
N GLY A 508 -43.06 3.54 5.43
CA GLY A 508 -44.40 3.13 5.77
C GLY A 508 -44.58 1.63 5.74
N LEU A 509 -43.56 0.90 6.20
CA LEU A 509 -43.60 -0.54 6.23
C LEU A 509 -44.54 -1.02 7.34
N LYS A 510 -44.49 -2.32 7.62
CA LYS A 510 -45.44 -2.95 8.50
C LYS A 510 -45.50 -2.21 9.83
N PRO A 511 -46.68 -1.74 10.25
CA PRO A 511 -46.79 -0.96 11.49
C PRO A 511 -46.96 -1.83 12.73
N LYS A 512 -45.98 -2.67 12.98
CA LYS A 512 -45.97 -3.53 14.16
C LYS A 512 -44.56 -3.60 14.70
N ALA A 513 -44.43 -3.56 16.02
CA ALA A 513 -43.11 -3.55 16.64
C ALA A 513 -42.34 -4.82 16.32
N ASP A 514 -43.03 -5.96 16.36
CA ASP A 514 -42.37 -7.24 16.12
C ASP A 514 -41.58 -7.21 14.82
N ALA A 515 -42.22 -6.72 13.76
CA ALA A 515 -41.55 -6.65 12.47
C ALA A 515 -40.34 -5.73 12.52
N PHE A 516 -40.46 -4.62 13.24
CA PHE A 516 -39.35 -3.68 13.36
C PHE A 516 -38.12 -4.38 13.92
N PHE A 517 -38.28 -5.04 15.06
CA PHE A 517 -37.13 -5.65 15.71
C PHE A 517 -36.63 -6.85 14.91
N VAL A 518 -37.53 -7.56 14.24
CA VAL A 518 -37.11 -8.67 13.40
C VAL A 518 -36.22 -8.17 12.27
N MET A 519 -36.59 -7.03 11.67
CA MET A 519 -35.80 -6.45 10.60
C MET A 519 -34.42 -6.07 11.11
N MET A 520 -34.36 -5.43 12.27
CA MET A 520 -33.07 -5.03 12.83
C MET A 520 -32.19 -6.25 13.08
N PHE A 521 -32.76 -7.27 13.72
CA PHE A 521 -32.01 -8.48 14.04
C PHE A 521 -31.51 -9.16 12.77
N THR A 522 -32.35 -9.25 11.75
CA THR A 522 -31.95 -9.89 10.51
C THR A 522 -30.78 -9.18 9.87
N LEU A 523 -30.82 -7.84 9.85
CA LEU A 523 -29.71 -7.10 9.26
C LEU A 523 -28.42 -7.34 10.03
N MET A 524 -28.50 -7.37 11.36
CA MET A 524 -27.31 -7.69 12.13
C MET A 524 -26.73 -9.02 11.69
N MET A 525 -27.59 -10.03 11.56
CA MET A 525 -27.10 -11.38 11.28
C MET A 525 -26.42 -11.46 9.93
N VAL A 526 -27.00 -10.83 8.90
CA VAL A 526 -26.36 -10.88 7.59
C VAL A 526 -25.01 -10.17 7.64
N ALA A 527 -24.95 -9.05 8.38
CA ALA A 527 -23.69 -8.32 8.47
C ALA A 527 -22.60 -9.19 9.09
N TYR A 528 -22.92 -9.82 10.22
CA TYR A 528 -21.93 -10.64 10.89
C TYR A 528 -21.50 -11.82 10.03
N SER A 529 -22.45 -12.45 9.35
CA SER A 529 -22.10 -13.59 8.50
C SER A 529 -21.15 -13.16 7.39
N ALA A 530 -21.42 -12.01 6.77
CA ALA A 530 -20.53 -11.54 5.72
C ALA A 530 -19.14 -11.27 6.26
N SER A 531 -19.06 -10.63 7.42
CA SER A 531 -17.75 -10.36 8.01
C SER A 531 -17.02 -11.66 8.32
N SER A 532 -17.73 -12.66 8.82
CA SER A 532 -17.11 -13.94 9.11
C SER A 532 -16.57 -14.57 7.84
N MET A 533 -17.33 -14.56 6.76
CA MET A 533 -16.86 -15.15 5.52
C MET A 533 -15.62 -14.42 5.03
N ALA A 534 -15.63 -13.09 5.11
CA ALA A 534 -14.47 -12.32 4.68
C ALA A 534 -13.25 -12.67 5.52
N LEU A 535 -13.43 -12.83 6.82
CA LEU A 535 -12.31 -13.22 7.68
C LEU A 535 -11.78 -14.59 7.27
N ALA A 536 -12.67 -15.54 7.02
CA ALA A 536 -12.22 -16.87 6.65
C ALA A 536 -11.39 -16.82 5.38
N ILE A 537 -11.85 -16.07 4.39
CA ILE A 537 -11.14 -15.99 3.11
C ILE A 537 -9.84 -15.23 3.26
N ALA A 538 -9.84 -14.15 4.03
CA ALA A 538 -8.73 -13.22 4.09
C ALA A 538 -7.76 -13.51 5.22
N ALA A 539 -8.01 -14.54 6.00
CA ALA A 539 -7.09 -14.87 7.09
C ALA A 539 -5.87 -15.57 6.53
N GLY A 540 -4.69 -15.08 6.92
CA GLY A 540 -3.46 -15.66 6.43
C GLY A 540 -3.22 -15.45 4.95
N GLN A 541 -3.63 -14.31 4.41
CA GLN A 541 -3.30 -13.91 3.05
C GLN A 541 -2.52 -12.61 3.13
N SER A 542 -1.37 -12.58 2.45
CA SER A 542 -0.46 -11.46 2.58
C SER A 542 -0.98 -10.24 1.85
N VAL A 543 -1.52 -10.41 0.65
CA VAL A 543 -1.88 -9.32 -0.23
C VAL A 543 -3.35 -8.98 -0.03
N VAL A 544 -3.66 -7.69 -0.13
CA VAL A 544 -5.03 -7.23 0.07
C VAL A 544 -5.84 -7.22 -1.22
N SER A 545 -5.21 -6.90 -2.35
CA SER A 545 -5.95 -6.78 -3.60
C SER A 545 -6.54 -8.11 -4.02
N VAL A 546 -5.77 -9.18 -3.84
CA VAL A 546 -6.26 -10.52 -4.15
C VAL A 546 -7.43 -10.88 -3.26
N ALA A 547 -7.30 -10.63 -1.96
CA ALA A 547 -8.38 -10.96 -1.03
C ALA A 547 -9.64 -10.17 -1.35
N THR A 548 -9.48 -8.87 -1.62
CA THR A 548 -10.61 -8.05 -1.97
C THR A 548 -11.30 -8.59 -3.21
N LEU A 549 -10.52 -8.97 -4.22
CA LEU A 549 -11.09 -9.55 -5.42
C LEU A 549 -11.90 -10.79 -5.10
N LEU A 550 -11.32 -11.71 -4.33
CA LEU A 550 -11.99 -12.97 -4.05
C LEU A 550 -13.31 -12.73 -3.32
N MET A 551 -13.29 -11.88 -2.30
CA MET A 551 -14.50 -11.64 -1.54
C MET A 551 -15.56 -10.98 -2.40
N THR A 552 -15.16 -10.01 -3.23
CA THR A 552 -16.13 -9.36 -4.10
C THR A 552 -16.78 -10.36 -5.03
N ILE A 553 -15.99 -11.26 -5.62
CA ILE A 553 -16.54 -12.25 -6.53
C ILE A 553 -17.52 -13.14 -5.79
N CYS A 554 -17.14 -13.61 -4.59
CA CYS A 554 -18.01 -14.50 -3.85
C CYS A 554 -19.33 -13.82 -3.55
N PHE A 555 -19.30 -12.55 -3.15
CA PHE A 555 -20.53 -11.84 -2.84
C PHE A 555 -21.39 -11.66 -4.08
N VAL A 556 -20.78 -11.36 -5.22
CA VAL A 556 -21.55 -11.24 -6.45
C VAL A 556 -22.28 -12.54 -6.75
N PHE A 557 -21.56 -13.65 -6.71
CA PHE A 557 -22.17 -14.94 -6.99
C PHE A 557 -23.30 -15.23 -6.02
N MET A 558 -23.13 -14.87 -4.75
CA MET A 558 -24.21 -15.05 -3.79
C MET A 558 -25.40 -14.18 -4.16
N MET A 559 -25.14 -12.97 -4.67
CA MET A 559 -26.20 -12.03 -4.95
C MET A 559 -27.06 -12.50 -6.12
N ILE A 560 -26.47 -13.18 -7.09
CA ILE A 560 -27.24 -13.65 -8.23
C ILE A 560 -28.37 -14.58 -7.81
N PHE A 561 -28.26 -15.18 -6.62
CA PHE A 561 -29.25 -16.13 -6.13
C PHE A 561 -30.11 -15.51 -5.04
N SER A 562 -30.16 -14.18 -4.99
CA SER A 562 -30.86 -13.50 -3.92
C SER A 562 -32.36 -13.82 -3.94
N GLY A 563 -32.97 -13.83 -5.12
CA GLY A 563 -34.39 -14.05 -5.26
C GLY A 563 -35.10 -13.01 -6.08
N LEU A 564 -34.44 -11.91 -6.41
CA LEU A 564 -35.03 -10.82 -7.18
C LEU A 564 -34.56 -10.81 -8.63
N LEU A 565 -33.29 -11.05 -8.86
CA LEU A 565 -32.77 -11.01 -10.23
C LEU A 565 -33.28 -12.20 -11.03
N VAL A 566 -33.48 -13.34 -10.37
CA VAL A 566 -33.96 -14.55 -11.01
C VAL A 566 -34.95 -15.23 -10.10
N ASN A 567 -36.00 -15.82 -10.68
CA ASN A 567 -36.93 -16.62 -9.91
C ASN A 567 -36.33 -18.00 -9.68
N LEU A 568 -36.29 -18.40 -8.41
CA LEU A 568 -35.57 -19.59 -8.01
C LEU A 568 -36.32 -20.88 -8.30
N THR A 569 -37.54 -20.80 -8.80
CA THR A 569 -38.26 -21.99 -9.25
C THR A 569 -37.95 -22.34 -10.70
N THR A 570 -37.30 -21.45 -11.45
CA THR A 570 -36.85 -21.73 -12.79
C THR A 570 -35.44 -22.28 -12.84
N ILE A 571 -34.73 -22.25 -11.72
CA ILE A 571 -33.39 -22.80 -11.67
C ILE A 571 -33.45 -24.29 -12.00
N ALA A 572 -32.44 -24.76 -12.73
CA ALA A 572 -32.40 -26.15 -13.10
C ALA A 572 -32.23 -27.03 -11.86
N SER A 573 -32.75 -28.24 -11.94
CA SER A 573 -32.75 -29.12 -10.78
C SER A 573 -31.33 -29.43 -10.31
N TRP A 574 -30.36 -29.30 -11.19
CA TRP A 574 -28.97 -29.62 -10.85
C TRP A 574 -28.18 -28.40 -10.43
N LEU A 575 -28.83 -27.27 -10.17
CA LEU A 575 -28.16 -26.09 -9.64
C LEU A 575 -28.92 -25.40 -8.53
N SER A 576 -30.17 -25.76 -8.27
CA SER A 576 -30.89 -25.15 -7.16
C SER A 576 -30.17 -25.38 -5.85
N TRP A 577 -29.39 -26.45 -5.75
CA TRP A 577 -28.68 -26.75 -4.52
C TRP A 577 -27.67 -25.67 -4.16
N LEU A 578 -27.24 -24.87 -5.13
CA LEU A 578 -26.32 -23.78 -4.85
C LEU A 578 -26.97 -22.63 -4.11
N GLN A 579 -28.30 -22.53 -4.15
CA GLN A 579 -28.97 -21.42 -3.52
C GLN A 579 -28.90 -21.49 -2.01
N TYR A 580 -28.50 -22.62 -1.44
CA TYR A 580 -28.42 -22.77 -0.01
C TYR A 580 -27.12 -22.25 0.58
N PHE A 581 -26.20 -21.80 -0.26
CA PHE A 581 -24.93 -21.22 0.17
C PHE A 581 -24.96 -19.70 0.15
N SER A 582 -26.11 -19.10 -0.11
CA SER A 582 -26.21 -17.67 -0.34
C SER A 582 -26.72 -16.97 0.91
N ILE A 583 -25.89 -16.08 1.45
CA ILE A 583 -26.31 -15.28 2.60
C ILE A 583 -27.42 -14.31 2.20
N PRO A 584 -27.30 -13.54 1.13
CA PRO A 584 -28.35 -12.59 0.79
C PRO A 584 -29.69 -13.27 0.60
N ARG A 585 -29.69 -14.52 0.15
CA ARG A 585 -30.96 -15.22 -0.01
C ARG A 585 -31.70 -15.31 1.30
N TYR A 586 -31.01 -15.74 2.35
CA TYR A 586 -31.65 -15.89 3.64
C TYR A 586 -32.12 -14.55 4.18
N GLY A 587 -31.27 -13.54 4.10
CA GLY A 587 -31.67 -12.24 4.60
C GLY A 587 -32.86 -11.67 3.86
N PHE A 588 -32.79 -11.68 2.52
CA PHE A 588 -33.84 -11.13 1.71
C PHE A 588 -35.15 -11.90 1.87
N THR A 589 -35.06 -13.23 1.91
CA THR A 589 -36.24 -14.04 2.10
C THR A 589 -36.90 -13.73 3.43
N ALA A 590 -36.10 -13.57 4.48
CA ALA A 590 -36.67 -13.31 5.79
C ALA A 590 -37.30 -11.93 5.87
N LEU A 591 -36.72 -10.96 5.17
CA LEU A 591 -37.31 -9.63 5.16
C LEU A 591 -38.61 -9.61 4.38
N GLN A 592 -38.64 -10.29 3.24
CA GLN A 592 -39.87 -10.32 2.45
C GLN A 592 -40.99 -11.02 3.20
N HIS A 593 -40.68 -12.09 3.93
CA HIS A 593 -41.73 -12.89 4.52
C HIS A 593 -42.53 -12.10 5.53
N ASN A 594 -41.87 -11.27 6.32
CA ASN A 594 -42.56 -10.56 7.40
C ASN A 594 -43.20 -9.26 6.93
N GLU A 595 -43.01 -8.89 5.67
CA GLU A 595 -43.56 -7.65 5.13
C GLU A 595 -44.77 -7.89 4.25
N PHE A 596 -44.63 -8.70 3.21
CA PHE A 596 -45.71 -8.92 2.26
C PHE A 596 -46.84 -9.75 2.83
N LEU A 597 -46.64 -10.39 3.98
CA LEU A 597 -47.59 -11.40 4.42
C LEU A 597 -48.98 -10.83 4.59
N GLY A 598 -49.10 -9.72 5.33
CA GLY A 598 -50.39 -9.10 5.55
C GLY A 598 -50.67 -7.92 4.63
N GLN A 599 -50.61 -8.12 3.32
CA GLN A 599 -50.71 -7.03 2.37
C GLN A 599 -51.57 -7.44 1.19
N ASN A 600 -52.23 -6.45 0.58
CA ASN A 600 -52.98 -6.62 -0.67
C ASN A 600 -52.67 -5.43 -1.56
N PHE A 601 -52.22 -5.71 -2.78
CA PHE A 601 -51.67 -4.68 -3.66
C PHE A 601 -52.56 -4.38 -4.86
N CYS A 602 -53.78 -4.92 -4.92
CA CYS A 602 -54.67 -4.59 -6.02
C CYS A 602 -55.74 -3.64 -5.51
N PRO A 603 -55.71 -2.36 -5.92
CA PRO A 603 -56.51 -1.35 -5.22
C PRO A 603 -58.01 -1.57 -5.29
N GLY A 604 -58.53 -1.99 -6.45
CA GLY A 604 -59.94 -2.25 -6.58
C GLY A 604 -60.29 -3.65 -6.12
N LEU A 605 -60.77 -3.77 -4.89
CA LEU A 605 -60.90 -5.08 -4.27
C LEU A 605 -62.30 -5.65 -4.47
N ASN A 606 -63.32 -4.80 -4.39
CA ASN A 606 -64.65 -5.20 -4.85
C ASN A 606 -64.62 -5.50 -6.35
N ALA A 607 -63.93 -4.66 -7.12
CA ALA A 607 -63.78 -4.93 -8.55
C ALA A 607 -63.01 -6.23 -8.77
N THR A 608 -61.93 -6.43 -8.01
CA THR A 608 -61.12 -7.65 -8.00
C THR A 608 -61.90 -8.80 -7.38
N GLY A 609 -62.75 -8.51 -6.39
CA GLY A 609 -63.43 -9.59 -5.70
C GLY A 609 -64.36 -10.38 -6.59
N ASN A 610 -65.17 -9.67 -7.39
CA ASN A 610 -66.13 -10.37 -8.24
C ASN A 610 -65.44 -11.30 -9.24
N ASN A 611 -64.43 -10.79 -9.97
CA ASN A 611 -63.72 -11.62 -10.94
C ASN A 611 -62.21 -11.43 -10.73
N PRO A 612 -61.56 -12.31 -9.95
CA PRO A 612 -60.09 -12.24 -9.85
C PRO A 612 -59.35 -12.63 -11.13
N CYS A 613 -58.17 -12.06 -11.32
CA CYS A 613 -57.43 -12.20 -12.57
C CYS A 613 -56.33 -13.24 -12.40
N ASN A 614 -56.25 -14.17 -13.35
CA ASN A 614 -55.25 -15.24 -13.23
C ASN A 614 -53.85 -14.67 -13.00
N TYR A 615 -53.28 -14.02 -14.01
CA TYR A 615 -52.00 -13.31 -13.98
C TYR A 615 -52.16 -11.93 -13.34
N ALA A 616 -52.33 -11.91 -12.01
CA ALA A 616 -52.56 -10.66 -11.28
C ALA A 616 -51.60 -10.47 -10.11
N THR A 617 -51.31 -11.56 -9.40
CA THR A 617 -50.40 -11.54 -8.27
C THR A 617 -50.77 -10.46 -7.25
N CYS A 618 -52.07 -10.21 -7.13
CA CYS A 618 -52.53 -9.11 -6.28
C CYS A 618 -51.86 -9.13 -4.91
N THR A 619 -52.17 -10.15 -4.12
CA THR A 619 -51.78 -10.17 -2.72
C THR A 619 -50.31 -10.50 -2.55
N GLY A 620 -49.81 -10.25 -1.34
CA GLY A 620 -48.44 -10.56 -1.02
C GLY A 620 -48.16 -12.04 -0.97
N GLU A 621 -49.12 -12.82 -0.47
CA GLU A 621 -48.90 -14.26 -0.36
C GLU A 621 -48.67 -14.88 -1.74
N GLU A 622 -49.39 -14.43 -2.76
CA GLU A 622 -49.22 -14.99 -4.09
C GLU A 622 -47.82 -14.70 -4.61
N TYR A 623 -47.36 -13.46 -4.48
CA TYR A 623 -46.01 -13.13 -4.92
C TYR A 623 -44.98 -13.95 -4.16
N LEU A 624 -45.19 -14.08 -2.85
CA LEU A 624 -44.28 -14.85 -2.02
C LEU A 624 -44.18 -16.29 -2.52
N VAL A 625 -45.33 -16.89 -2.82
CA VAL A 625 -45.34 -18.25 -3.32
C VAL A 625 -44.62 -18.34 -4.65
N LYS A 626 -44.90 -17.40 -5.55
CA LYS A 626 -44.31 -17.45 -6.88
C LYS A 626 -42.79 -17.39 -6.83
N GLN A 627 -42.23 -16.65 -5.87
CA GLN A 627 -40.78 -16.65 -5.72
C GLN A 627 -40.28 -17.91 -5.02
N GLY A 628 -41.17 -18.76 -4.54
CA GLY A 628 -40.76 -20.00 -3.90
C GLY A 628 -40.39 -19.82 -2.45
N ILE A 629 -41.35 -19.45 -1.62
CA ILE A 629 -41.13 -19.18 -0.21
C ILE A 629 -42.24 -19.80 0.60
N ASP A 630 -41.88 -20.36 1.75
CA ASP A 630 -42.86 -20.91 2.68
C ASP A 630 -43.55 -19.80 3.46
N LEU A 631 -44.74 -20.08 3.94
CA LEU A 631 -45.54 -19.12 4.67
C LEU A 631 -45.50 -19.33 6.18
N SER A 632 -45.09 -20.51 6.63
CA SER A 632 -45.07 -20.78 8.05
C SER A 632 -43.96 -19.99 8.73
N PRO A 633 -44.16 -19.58 9.99
CA PRO A 633 -43.13 -18.79 10.67
C PRO A 633 -41.80 -19.51 10.76
N TRP A 634 -41.84 -20.84 10.84
CA TRP A 634 -40.62 -21.61 10.65
C TRP A 634 -39.95 -21.24 9.34
N GLY A 635 -40.75 -20.95 8.32
CA GLY A 635 -40.21 -20.51 7.05
C GLY A 635 -39.47 -19.21 7.13
N LEU A 636 -39.58 -18.50 8.24
CA LEU A 636 -38.85 -17.28 8.50
C LEU A 636 -37.61 -17.54 9.36
N TRP A 637 -37.78 -18.21 10.49
CA TRP A 637 -36.69 -18.43 11.42
C TRP A 637 -35.64 -19.39 10.90
N LYS A 638 -35.99 -20.19 9.90
CA LYS A 638 -35.02 -21.10 9.30
C LYS A 638 -33.82 -20.33 8.74
N ASN A 639 -34.08 -19.18 8.14
CA ASN A 639 -33.00 -18.37 7.61
C ASN A 639 -32.07 -17.92 8.72
N HIS A 640 -32.63 -17.55 9.87
CA HIS A 640 -31.82 -17.04 10.96
C HIS A 640 -30.89 -18.11 11.52
N VAL A 641 -31.42 -19.31 11.74
CA VAL A 641 -30.55 -20.37 12.26
C VAL A 641 -29.46 -20.71 11.24
N ALA A 642 -29.80 -20.68 9.95
CA ALA A 642 -28.79 -20.92 8.94
C ALA A 642 -27.68 -19.88 9.02
N LEU A 643 -28.05 -18.61 9.18
CA LEU A 643 -27.04 -17.56 9.27
C LEU A 643 -26.14 -17.76 10.48
N ALA A 644 -26.73 -18.12 11.62
CA ALA A 644 -25.93 -18.35 12.81
C ALA A 644 -24.93 -19.48 12.59
N CYS A 645 -25.37 -20.57 11.99
CA CYS A 645 -24.47 -21.68 11.72
C CYS A 645 -23.35 -21.25 10.78
N MET A 646 -23.67 -20.46 9.77
CA MET A 646 -22.62 -19.96 8.88
C MET A 646 -21.60 -19.14 9.64
N ILE A 647 -22.08 -18.30 10.56
CA ILE A 647 -21.18 -17.48 11.36
C ILE A 647 -20.21 -18.37 12.12
N VAL A 648 -20.75 -19.36 12.82
CA VAL A 648 -19.91 -20.22 13.65
C VAL A 648 -18.88 -20.93 12.81
N ILE A 649 -19.32 -21.52 11.70
CA ILE A 649 -18.43 -22.30 10.86
C ILE A 649 -17.31 -21.43 10.31
N PHE A 650 -17.65 -20.24 9.82
CA PHE A 650 -16.64 -19.42 9.17
C PHE A 650 -15.63 -18.89 10.18
N LEU A 651 -16.08 -18.53 11.39
CA LEU A 651 -15.13 -18.10 12.40
C LEU A 651 -14.18 -19.22 12.79
N THR A 652 -14.71 -20.43 12.94
CA THR A 652 -13.85 -21.56 13.23
C THR A 652 -12.80 -21.75 12.15
N ILE A 653 -13.20 -21.66 10.89
CA ILE A 653 -12.26 -21.81 9.79
C ILE A 653 -11.18 -20.73 9.86
N ALA A 654 -11.57 -19.50 10.18
CA ALA A 654 -10.57 -18.44 10.30
C ALA A 654 -9.57 -18.76 11.39
N TYR A 655 -10.06 -19.22 12.53
CA TYR A 655 -9.16 -19.53 13.63
C TYR A 655 -8.17 -20.61 13.24
N LEU A 656 -8.64 -21.63 12.53
CA LEU A 656 -7.73 -22.70 12.12
C LEU A 656 -6.74 -22.20 11.07
N LYS A 657 -7.19 -21.37 10.14
CA LYS A 657 -6.28 -20.83 9.14
C LYS A 657 -5.18 -20.02 9.79
N LEU A 658 -5.47 -19.38 10.92
CA LEU A 658 -4.42 -18.67 11.65
C LEU A 658 -3.54 -19.64 12.42
N LEU A 659 -4.14 -20.70 12.96
CA LEU A 659 -3.42 -21.59 13.84
C LEU A 659 -2.36 -22.38 13.10
N PHE A 660 -2.72 -23.00 11.98
CA PHE A 660 -1.80 -23.78 11.19
C PHE A 660 -1.00 -22.92 10.23
N LEU A 661 -0.99 -21.62 10.44
CA LEU A 661 -0.16 -20.74 9.65
C LEU A 661 1.30 -20.95 10.02
N LYS A 662 2.18 -20.61 9.08
CA LYS A 662 3.62 -20.81 9.27
C LYS A 662 4.17 -19.59 10.01
N LYS A 663 4.34 -19.74 11.32
CA LYS A 663 4.85 -18.68 12.17
C LYS A 663 6.34 -18.91 12.38
N TYR A 664 7.11 -18.51 11.37
CA TYR A 664 8.55 -18.73 11.37
C TYR A 664 9.23 -17.73 10.46
N GLY B 44 32.77 25.72 -18.27
CA GLY B 44 31.95 25.01 -17.31
C GLY B 44 30.73 25.80 -16.87
N ALA B 45 29.98 25.23 -15.93
CA ALA B 45 28.78 25.85 -15.39
C ALA B 45 29.08 26.34 -13.99
N VAL B 46 28.93 27.64 -13.78
CA VAL B 46 29.18 28.24 -12.47
C VAL B 46 27.86 28.62 -11.83
N LEU B 47 27.29 27.71 -11.06
CA LEU B 47 26.08 28.01 -10.33
C LEU B 47 26.37 28.95 -9.17
N SER B 48 25.35 29.67 -8.75
CA SER B 48 25.49 30.63 -7.67
C SER B 48 24.14 30.87 -7.03
N PHE B 49 24.16 31.47 -5.83
CA PHE B 49 22.94 31.86 -5.16
C PHE B 49 23.28 32.94 -4.14
N HIS B 50 22.27 33.68 -3.70
CA HIS B 50 22.47 34.83 -2.83
C HIS B 50 21.17 35.20 -2.12
N ASN B 51 21.24 35.29 -0.80
CA ASN B 51 20.14 35.74 0.06
C ASN B 51 18.95 34.80 0.02
N ILE B 52 19.14 33.56 -0.41
CA ILE B 52 18.06 32.60 -0.44
C ILE B 52 17.38 32.51 0.91
N CYS B 53 16.05 32.47 0.89
CA CYS B 53 15.23 32.13 2.04
C CYS B 53 14.03 31.35 1.53
N TYR B 54 13.37 30.63 2.43
CA TYR B 54 12.27 29.78 2.02
C TYR B 54 11.26 29.67 3.15
N ARG B 55 10.00 29.48 2.77
CA ARG B 55 8.88 29.45 3.70
C ARG B 55 7.93 28.34 3.29
N VAL B 56 7.21 27.80 4.27
CA VAL B 56 6.22 26.76 4.03
C VAL B 56 5.00 27.04 4.89
N LYS B 57 3.83 26.91 4.29
CA LYS B 57 2.57 27.19 4.97
C LYS B 57 2.00 25.92 5.59
N PRO B 68 -2.14 29.13 6.33
CA PRO B 68 -2.02 29.18 7.78
C PRO B 68 -0.63 29.63 8.23
N VAL B 69 -0.13 29.12 9.36
CA VAL B 69 1.17 29.55 9.85
C VAL B 69 2.24 29.31 8.80
N GLU B 70 3.23 30.19 8.76
CA GLU B 70 4.31 30.14 7.79
C GLU B 70 5.61 29.85 8.54
N LYS B 71 6.22 28.71 8.23
CA LYS B 71 7.48 28.29 8.83
C LYS B 71 8.61 28.54 7.85
N GLU B 72 9.74 29.04 8.37
CA GLU B 72 10.90 29.35 7.55
C GLU B 72 11.90 28.20 7.67
N ILE B 73 11.88 27.31 6.68
CA ILE B 73 12.78 26.16 6.70
C ILE B 73 14.22 26.60 6.44
N LEU B 74 14.42 27.49 5.47
CA LEU B 74 15.74 27.97 5.11
C LEU B 74 15.83 29.47 5.37
N SER B 75 16.92 29.87 6.02
CA SER B 75 17.23 31.24 6.31
C SER B 75 18.31 31.72 5.34
N ASN B 76 18.84 32.91 5.60
CA ASN B 76 19.88 33.47 4.74
C ASN B 76 20.91 32.42 4.36
N ILE B 77 21.06 32.20 3.07
CA ILE B 77 21.99 31.23 2.52
C ILE B 77 22.67 31.83 1.30
N ASN B 78 23.97 31.62 1.19
CA ASN B 78 24.73 32.09 0.05
C ASN B 78 25.84 31.10 -0.24
N GLY B 79 26.23 31.01 -1.51
CA GLY B 79 27.27 30.08 -1.89
C GLY B 79 27.47 30.08 -3.38
N ILE B 80 28.56 29.47 -3.78
CA ILE B 80 28.91 29.29 -5.18
C ILE B 80 29.33 27.84 -5.39
N MET B 81 28.87 27.25 -6.48
CA MET B 81 29.13 25.86 -6.80
C MET B 81 29.78 25.80 -8.18
N LYS B 82 31.10 25.94 -8.19
CA LYS B 82 31.85 25.91 -9.41
C LYS B 82 31.93 24.48 -9.94
N PRO B 83 32.24 24.31 -11.22
CA PRO B 83 32.33 22.95 -11.77
C PRO B 83 33.27 22.08 -10.96
N GLY B 84 33.02 20.78 -11.01
CA GLY B 84 33.75 19.83 -10.20
C GLY B 84 32.82 19.05 -9.30
N LEU B 85 33.24 18.82 -8.06
CA LEU B 85 32.45 18.06 -7.09
C LEU B 85 32.11 18.94 -5.90
N ASN B 86 30.83 19.01 -5.59
CA ASN B 86 30.33 19.85 -4.50
C ASN B 86 29.38 19.03 -3.67
N ALA B 87 29.56 19.08 -2.35
CA ALA B 87 28.83 18.24 -1.43
C ALA B 87 28.06 19.08 -0.42
N ILE B 88 27.02 18.48 0.13
CA ILE B 88 26.17 19.16 1.10
C ILE B 88 25.95 18.27 2.32
N LEU B 89 26.83 18.39 3.30
CA LEU B 89 26.70 17.62 4.53
C LEU B 89 25.76 18.31 5.49
N GLY B 90 25.12 17.52 6.33
CA GLY B 90 24.29 18.04 7.38
C GLY B 90 23.51 16.95 8.09
N PRO B 91 23.01 17.27 9.27
CA PRO B 91 22.18 16.31 10.00
C PRO B 91 20.75 16.29 9.51
N THR B 92 20.05 15.23 9.89
CA THR B 92 18.65 15.07 9.50
C THR B 92 17.83 16.25 10.00
N GLY B 93 16.95 16.74 9.13
CA GLY B 93 16.15 17.89 9.46
C GLY B 93 16.82 19.22 9.22
N GLY B 94 18.05 19.23 8.73
CA GLY B 94 18.74 20.49 8.52
C GLY B 94 18.15 21.31 7.39
N GLY B 95 17.85 20.67 6.26
CA GLY B 95 17.40 21.39 5.08
C GLY B 95 18.16 21.02 3.83
N LYS B 96 18.74 19.82 3.82
CA LYS B 96 19.55 19.37 2.69
C LYS B 96 18.69 19.21 1.43
N SER B 97 17.73 18.30 1.49
CA SER B 97 16.90 18.02 0.34
C SER B 97 16.14 19.26 -0.12
N SER B 98 15.68 20.07 0.84
CA SER B 98 14.94 21.28 0.49
C SER B 98 15.81 22.22 -0.34
N LEU B 99 17.04 22.46 0.11
CA LEU B 99 17.93 23.31 -0.65
C LEU B 99 18.18 22.74 -2.03
N LEU B 100 18.38 21.43 -2.10
CA LEU B 100 18.72 20.82 -3.38
C LEU B 100 17.59 21.02 -4.38
N ASP B 101 16.35 20.79 -3.95
CA ASP B 101 15.22 21.04 -4.83
C ASP B 101 15.15 22.51 -5.20
N VAL B 102 15.39 23.40 -4.23
CA VAL B 102 15.31 24.82 -4.50
C VAL B 102 16.29 25.22 -5.59
N LEU B 103 17.44 24.57 -5.64
CA LEU B 103 18.42 24.89 -6.67
C LEU B 103 18.07 24.29 -8.01
N ALA B 104 17.28 23.22 -8.02
CA ALA B 104 16.89 22.54 -9.25
C ALA B 104 15.48 22.90 -9.70
N ALA B 105 14.96 24.04 -9.24
CA ALA B 105 13.66 24.54 -9.65
C ALA B 105 12.59 23.45 -9.50
N ARG B 106 12.40 23.01 -8.26
CA ARG B 106 11.39 22.01 -7.95
C ARG B 106 10.55 22.40 -6.74
N LYS B 107 10.80 23.56 -6.15
CA LYS B 107 10.00 24.09 -5.05
C LYS B 107 9.15 25.25 -5.57
N ASP B 108 7.96 25.38 -5.02
CA ASP B 108 7.08 26.45 -5.45
C ASP B 108 7.78 27.79 -5.28
N PRO B 109 7.81 28.63 -6.32
CA PRO B 109 8.53 29.90 -6.22
C PRO B 109 7.92 30.89 -5.26
N SER B 110 6.78 30.57 -4.65
CA SER B 110 6.19 31.50 -3.69
C SER B 110 7.11 31.73 -2.50
N GLY B 111 7.58 30.66 -1.86
CA GLY B 111 8.47 30.81 -0.73
C GLY B 111 9.83 31.35 -1.08
N LEU B 112 10.39 30.92 -2.21
CA LEU B 112 11.73 31.34 -2.59
C LEU B 112 11.79 32.85 -2.70
N SER B 113 12.89 33.42 -2.19
CA SER B 113 13.06 34.87 -2.11
C SER B 113 14.47 35.29 -2.51
N GLY B 114 15.16 34.51 -3.34
CA GLY B 114 16.53 34.78 -3.67
C GLY B 114 16.83 34.45 -5.13
N ASP B 115 18.03 34.84 -5.54
CA ASP B 115 18.45 34.77 -6.93
C ASP B 115 19.35 33.55 -7.14
N VAL B 116 18.89 32.64 -8.01
CA VAL B 116 19.69 31.52 -8.47
C VAL B 116 20.16 31.83 -9.88
N LEU B 117 21.47 31.87 -10.07
CA LEU B 117 22.07 32.31 -11.32
C LEU B 117 23.06 31.26 -11.82
N ILE B 118 22.95 30.92 -13.09
CA ILE B 118 23.90 30.06 -13.76
C ILE B 118 24.81 30.92 -14.63
N ASN B 119 26.09 30.94 -14.30
CA ASN B 119 27.08 31.71 -15.06
C ASN B 119 26.73 33.19 -15.10
N GLY B 120 26.12 33.68 -14.02
CA GLY B 120 25.72 35.08 -13.94
C GLY B 120 24.37 35.34 -14.56
N ALA B 121 24.14 34.84 -15.76
CA ALA B 121 22.85 34.98 -16.40
C ALA B 121 21.80 34.17 -15.63
N PRO B 122 20.54 34.57 -15.70
CA PRO B 122 19.50 33.85 -14.95
C PRO B 122 19.31 32.44 -15.44
N ARG B 123 18.33 31.77 -14.86
CA ARG B 123 18.07 30.39 -15.19
C ARG B 123 17.65 30.27 -16.66
N PRO B 124 18.35 29.49 -17.47
CA PRO B 124 17.90 29.29 -18.85
C PRO B 124 16.57 28.57 -18.90
N ALA B 125 15.81 28.86 -19.96
CA ALA B 125 14.50 28.24 -20.12
C ALA B 125 14.62 26.73 -20.34
N ASN B 126 15.66 26.29 -21.06
CA ASN B 126 15.90 24.88 -21.29
C ASN B 126 16.75 24.24 -20.20
N PHE B 127 16.69 24.80 -18.99
CA PHE B 127 17.52 24.30 -17.91
C PHE B 127 17.21 22.84 -17.59
N LYS B 128 15.92 22.52 -17.48
CA LYS B 128 15.54 21.16 -17.14
C LYS B 128 15.84 20.17 -18.24
N CYS B 129 16.17 20.63 -19.43
CA CYS B 129 16.53 19.77 -20.54
C CYS B 129 18.00 19.36 -20.51
N ASN B 130 18.76 19.91 -19.56
CA ASN B 130 20.18 19.61 -19.47
C ASN B 130 20.65 19.27 -18.07
N SER B 131 19.76 19.21 -17.08
CA SER B 131 20.11 18.83 -15.72
C SER B 131 19.33 17.60 -15.31
N GLY B 132 20.02 16.67 -14.65
CA GLY B 132 19.39 15.51 -14.07
C GLY B 132 19.23 15.66 -12.57
N TYR B 133 18.24 14.95 -12.03
CA TYR B 133 17.95 15.01 -10.60
C TYR B 133 17.60 13.62 -10.11
N VAL B 134 18.29 13.17 -9.08
CA VAL B 134 18.06 11.88 -8.46
C VAL B 134 17.27 12.10 -7.18
N VAL B 135 16.35 11.22 -6.91
CA VAL B 135 15.43 11.37 -5.80
C VAL B 135 15.92 10.59 -4.60
N GLN B 136 15.59 11.08 -3.41
CA GLN B 136 15.99 10.41 -2.18
C GLN B 136 15.25 9.08 -2.03
N ASP B 137 13.94 9.09 -2.23
CA ASP B 137 13.15 7.87 -2.28
C ASP B 137 12.97 7.47 -3.74
N ASP B 138 13.34 6.23 -4.06
CA ASP B 138 13.39 5.81 -5.45
C ASP B 138 12.00 5.86 -6.09
N VAL B 139 11.99 6.24 -7.37
CA VAL B 139 10.78 6.15 -8.18
C VAL B 139 11.13 5.34 -9.42
N VAL B 140 10.88 4.04 -9.35
CA VAL B 140 11.20 3.11 -10.43
C VAL B 140 10.03 2.14 -10.56
N MET B 141 9.54 1.98 -11.78
CA MET B 141 8.39 1.12 -12.01
C MET B 141 8.77 -0.33 -11.73
N GLY B 142 8.15 -0.89 -10.69
CA GLY B 142 8.54 -2.22 -10.26
C GLY B 142 8.27 -3.29 -11.29
N THR B 143 7.15 -3.18 -12.01
CA THR B 143 6.74 -4.23 -12.93
C THR B 143 7.65 -4.33 -14.15
N LEU B 144 8.56 -3.39 -14.35
CA LEU B 144 9.52 -3.44 -15.44
C LEU B 144 10.87 -3.94 -14.96
N THR B 145 11.72 -4.26 -15.92
CA THR B 145 13.10 -4.58 -15.63
C THR B 145 13.94 -3.32 -15.60
N VAL B 146 15.22 -3.50 -15.29
CA VAL B 146 16.14 -2.38 -15.27
C VAL B 146 16.33 -1.83 -16.68
N ARG B 147 16.63 -2.71 -17.64
CA ARG B 147 16.93 -2.27 -18.99
C ARG B 147 15.73 -1.59 -19.64
N GLU B 148 14.53 -2.08 -19.38
CA GLU B 148 13.34 -1.43 -19.92
C GLU B 148 13.26 0.01 -19.46
N ASN B 149 13.48 0.24 -18.16
CA ASN B 149 13.39 1.58 -17.61
C ASN B 149 14.45 2.50 -18.20
N LEU B 150 15.69 2.01 -18.31
CA LEU B 150 16.73 2.83 -18.92
C LEU B 150 16.37 3.18 -20.35
N GLN B 151 15.85 2.20 -21.11
CA GLN B 151 15.44 2.46 -22.47
C GLN B 151 14.37 3.53 -22.53
N PHE B 152 13.43 3.46 -21.59
CA PHE B 152 12.32 4.41 -21.57
C PHE B 152 12.83 5.83 -21.34
N SER B 153 13.65 6.01 -20.30
CA SER B 153 14.18 7.33 -19.99
C SER B 153 15.00 7.89 -21.14
N ALA B 154 15.92 7.07 -21.66
CA ALA B 154 16.74 7.52 -22.78
C ALA B 154 15.90 7.86 -23.99
N ALA B 155 14.87 7.05 -24.25
CA ALA B 155 14.06 7.26 -25.44
C ALA B 155 13.31 8.58 -25.39
N LEU B 156 12.76 8.90 -24.22
CA LEU B 156 11.94 10.11 -24.13
C LEU B 156 12.79 11.36 -23.96
N ARG B 157 13.89 11.27 -23.23
CA ARG B 157 14.66 12.47 -22.90
C ARG B 157 15.74 12.77 -23.94
N LEU B 158 16.63 11.81 -24.20
CA LEU B 158 17.63 12.01 -25.23
C LEU B 158 16.96 12.19 -26.59
N ALA B 159 17.66 12.90 -27.48
CA ALA B 159 17.11 13.20 -28.78
C ALA B 159 16.96 11.95 -29.62
N THR B 160 16.08 12.02 -30.61
CA THR B 160 15.77 10.90 -31.48
C THR B 160 16.62 10.89 -32.75
N THR B 161 17.52 11.86 -32.92
CA THR B 161 18.45 11.81 -34.04
C THR B 161 19.38 10.60 -33.91
N MET B 162 19.77 10.28 -32.68
CA MET B 162 20.64 9.14 -32.44
C MET B 162 19.88 7.84 -32.70
N THR B 163 20.60 6.85 -33.23
CA THR B 163 20.00 5.57 -33.54
C THR B 163 19.84 4.74 -32.27
N ASN B 164 18.92 3.77 -32.35
CA ASN B 164 18.58 2.99 -31.17
C ASN B 164 19.74 2.11 -30.74
N HIS B 165 20.56 1.68 -31.70
CA HIS B 165 21.76 0.91 -31.36
C HIS B 165 22.66 1.72 -30.44
N GLU B 166 22.81 3.02 -30.71
CA GLU B 166 23.70 3.85 -29.92
C GLU B 166 23.16 4.05 -28.51
N LYS B 167 21.84 4.29 -28.39
CA LYS B 167 21.25 4.43 -27.07
C LYS B 167 21.43 3.14 -26.26
N ASN B 168 21.19 2.00 -26.90
CA ASN B 168 21.39 0.73 -26.22
C ASN B 168 22.85 0.56 -25.82
N GLU B 169 23.76 1.06 -26.66
CA GLU B 169 25.18 1.04 -26.31
C GLU B 169 25.45 1.79 -25.03
N ARG B 170 24.94 3.02 -24.94
CA ARG B 170 25.12 3.80 -23.72
C ARG B 170 24.53 3.08 -22.52
N ILE B 171 23.37 2.47 -22.71
CA ILE B 171 22.72 1.78 -21.59
C ILE B 171 23.62 0.66 -21.07
N ASN B 172 24.22 -0.11 -21.98
CA ASN B 172 25.12 -1.17 -21.55
C ASN B 172 26.32 -0.60 -20.82
N ARG B 173 26.87 0.50 -21.33
CA ARG B 173 28.02 1.12 -20.67
C ARG B 173 27.68 1.51 -19.25
N VAL B 174 26.50 2.11 -19.05
CA VAL B 174 26.12 2.55 -17.72
C VAL B 174 25.90 1.35 -16.81
N ILE B 175 25.30 0.29 -17.34
CA ILE B 175 25.11 -0.92 -16.54
C ILE B 175 26.45 -1.42 -16.03
N GLN B 176 27.46 -1.42 -16.90
CA GLN B 176 28.81 -1.79 -16.46
C GLN B 176 29.32 -0.85 -15.39
N GLU B 177 29.12 0.45 -15.59
CA GLU B 177 29.65 1.43 -14.65
C GLU B 177 29.09 1.22 -13.25
N LEU B 178 27.78 1.01 -13.16
CA LEU B 178 27.12 0.90 -11.87
C LEU B 178 27.16 -0.51 -11.28
N GLY B 179 27.67 -1.49 -12.01
CA GLY B 179 27.69 -2.85 -11.52
C GLY B 179 26.30 -3.42 -11.34
N LEU B 180 25.59 -3.61 -12.45
CA LEU B 180 24.25 -4.18 -12.42
C LEU B 180 24.08 -5.28 -13.46
N ASP B 181 25.16 -5.88 -13.93
CA ASP B 181 25.05 -6.91 -14.95
C ASP B 181 24.22 -8.09 -14.49
N LYS B 182 24.37 -8.47 -13.21
CA LYS B 182 23.69 -9.65 -12.70
C LYS B 182 22.19 -9.46 -12.57
N VAL B 183 21.71 -8.22 -12.55
CA VAL B 183 20.29 -7.93 -12.35
C VAL B 183 19.81 -7.00 -13.46
N ALA B 184 20.49 -7.03 -14.59
CA ALA B 184 20.15 -6.14 -15.68
C ALA B 184 18.74 -6.43 -16.20
N ASP B 185 18.40 -7.70 -16.35
CA ASP B 185 17.10 -8.09 -16.88
C ASP B 185 16.14 -8.57 -15.81
N SER B 186 16.55 -8.55 -14.54
CA SER B 186 15.65 -8.96 -13.47
C SER B 186 14.57 -7.91 -13.27
N LYS B 187 13.41 -8.37 -12.80
CA LYS B 187 12.31 -7.47 -12.54
C LYS B 187 12.52 -6.74 -11.22
N VAL B 188 12.20 -5.46 -11.21
CA VAL B 188 12.28 -4.64 -10.01
C VAL B 188 11.12 -5.04 -9.10
N GLY B 189 11.16 -4.58 -7.86
CA GLY B 189 10.25 -5.11 -6.85
C GLY B 189 8.80 -5.04 -7.28
N THR B 190 8.07 -6.11 -6.99
CA THR B 190 6.62 -6.16 -7.14
C THR B 190 6.03 -6.89 -5.95
N GLN B 191 4.73 -6.68 -5.74
CA GLN B 191 4.06 -7.32 -4.61
C GLN B 191 3.89 -8.81 -4.80
N PHE B 192 4.06 -9.32 -6.02
CA PHE B 192 3.94 -10.74 -6.30
C PHE B 192 5.29 -11.42 -6.46
N ILE B 193 6.25 -10.76 -7.12
CA ILE B 193 7.58 -11.30 -7.34
C ILE B 193 8.53 -10.70 -6.32
N ARG B 194 9.43 -11.50 -5.80
CA ARG B 194 10.45 -11.00 -4.88
C ARG B 194 11.27 -9.93 -5.57
N GLY B 195 11.45 -8.81 -4.89
CA GLY B 195 12.12 -7.68 -5.50
C GLY B 195 13.63 -7.76 -5.38
N VAL B 196 14.29 -7.07 -6.32
CA VAL B 196 15.73 -6.93 -6.27
C VAL B 196 16.13 -6.14 -5.02
N SER B 197 17.39 -6.27 -4.65
CA SER B 197 17.88 -5.62 -3.44
C SER B 197 17.80 -4.10 -3.59
N GLY B 198 17.69 -3.43 -2.45
CA GLY B 198 17.52 -1.98 -2.47
C GLY B 198 18.67 -1.27 -3.17
N GLY B 199 19.89 -1.78 -2.99
CA GLY B 199 21.03 -1.14 -3.62
C GLY B 199 20.92 -1.11 -5.13
N GLU B 200 20.49 -2.23 -5.71
CA GLU B 200 20.34 -2.28 -7.16
C GLU B 200 19.25 -1.32 -7.63
N ARG B 201 18.17 -1.20 -6.87
CA ARG B 201 17.12 -0.25 -7.22
C ARG B 201 17.66 1.18 -7.19
N LYS B 202 18.45 1.51 -6.18
CA LYS B 202 19.01 2.84 -6.09
C LYS B 202 19.93 3.13 -7.27
N ARG B 203 20.79 2.17 -7.60
CA ARG B 203 21.67 2.35 -8.75
C ARG B 203 20.87 2.50 -10.04
N THR B 204 19.71 1.85 -10.13
CA THR B 204 18.86 2.03 -11.30
C THR B 204 18.34 3.46 -11.36
N SER B 205 17.86 3.98 -10.25
CA SER B 205 17.38 5.36 -10.22
C SER B 205 18.48 6.31 -10.64
N ILE B 206 19.71 6.02 -10.23
CA ILE B 206 20.83 6.89 -10.61
C ILE B 206 21.10 6.79 -12.10
N GLY B 207 21.09 5.57 -12.65
CA GLY B 207 21.40 5.41 -14.05
C GLY B 207 20.39 6.08 -14.96
N MET B 208 19.11 6.04 -14.57
CA MET B 208 18.09 6.64 -15.42
C MET B 208 18.39 8.11 -15.70
N GLU B 209 19.04 8.79 -14.77
CA GLU B 209 19.46 10.17 -14.95
C GLU B 209 20.86 10.29 -15.50
N LEU B 210 21.72 9.32 -15.21
CA LEU B 210 23.11 9.39 -15.65
C LEU B 210 23.22 9.22 -17.15
N ILE B 211 22.29 8.47 -17.75
CA ILE B 211 22.34 8.20 -19.18
C ILE B 211 22.08 9.45 -20.00
N THR B 212 21.48 10.48 -19.42
CA THR B 212 21.10 11.67 -20.17
C THR B 212 22.30 12.53 -20.59
N ASP B 213 23.49 12.22 -20.11
CA ASP B 213 24.67 13.05 -20.35
C ASP B 213 24.41 14.49 -19.90
N PRO B 214 24.10 14.70 -18.62
CA PRO B 214 23.76 16.06 -18.15
C PRO B 214 25.00 16.86 -17.82
N SER B 215 24.99 18.14 -18.21
CA SER B 215 26.04 19.05 -17.82
C SER B 215 25.95 19.45 -16.36
N ILE B 216 24.82 19.18 -15.72
CA ILE B 216 24.62 19.46 -14.30
C ILE B 216 23.84 18.31 -13.70
N LEU B 217 24.23 17.87 -12.51
CA LEU B 217 23.64 16.70 -11.90
C LEU B 217 23.45 16.93 -10.41
N PHE B 218 22.25 16.59 -9.92
CA PHE B 218 21.89 16.74 -8.52
C PHE B 218 21.51 15.37 -7.97
N LEU B 219 21.99 15.06 -6.78
CA LEU B 219 21.71 13.79 -6.13
C LEU B 219 21.35 14.03 -4.67
N ASP B 220 20.30 13.36 -4.23
CA ASP B 220 19.86 13.42 -2.83
C ASP B 220 20.14 12.05 -2.22
N GLU B 221 21.18 11.97 -1.40
CA GLU B 221 21.57 10.73 -0.76
C GLU B 221 21.77 9.65 -1.81
N PRO B 222 22.77 9.78 -2.67
CA PRO B 222 22.99 8.76 -3.68
C PRO B 222 23.34 7.40 -3.09
N THR B 223 23.85 7.38 -1.86
CA THR B 223 24.37 6.17 -1.24
C THR B 223 23.70 6.01 0.12
N THR B 224 22.52 5.39 0.12
CA THR B 224 21.79 5.07 1.34
C THR B 224 21.49 3.57 1.32
N GLY B 225 22.14 2.84 2.22
CA GLY B 225 21.99 1.41 2.29
C GLY B 225 23.03 0.64 1.51
N LEU B 226 23.69 1.27 0.55
CA LEU B 226 24.71 0.57 -0.22
C LEU B 226 25.88 0.20 0.67
N ASP B 227 26.42 -1.00 0.44
CA ASP B 227 27.62 -1.43 1.13
C ASP B 227 28.79 -0.54 0.72
N SER B 228 29.84 -0.56 1.56
CA SER B 228 30.93 0.39 1.39
C SER B 228 31.58 0.26 0.02
N SER B 229 31.79 -0.97 -0.46
CA SER B 229 32.48 -1.14 -1.73
C SER B 229 31.70 -0.53 -2.89
N THR B 230 30.40 -0.82 -2.96
CA THR B 230 29.58 -0.27 -4.03
C THR B 230 29.52 1.25 -3.94
N ALA B 231 29.38 1.79 -2.73
CA ALA B 231 29.36 3.23 -2.56
C ALA B 231 30.66 3.87 -3.03
N ASN B 232 31.78 3.26 -2.65
CA ASN B 232 33.07 3.75 -3.11
C ASN B 232 33.14 3.74 -4.63
N ALA B 233 32.65 2.66 -5.26
CA ALA B 233 32.64 2.59 -6.71
C ALA B 233 31.81 3.72 -7.29
N VAL B 234 30.64 3.95 -6.73
CA VAL B 234 29.74 4.98 -7.23
C VAL B 234 30.41 6.35 -7.20
N LEU B 235 31.00 6.69 -6.04
CA LEU B 235 31.58 8.02 -5.90
C LEU B 235 32.84 8.18 -6.73
N LEU B 236 33.64 7.12 -6.86
CA LEU B 236 34.78 7.21 -7.77
C LEU B 236 34.31 7.47 -9.18
N LEU B 237 33.21 6.84 -9.58
CA LEU B 237 32.63 7.12 -10.88
C LEU B 237 32.25 8.58 -11.01
N LEU B 238 31.57 9.11 -10.00
CA LEU B 238 31.15 10.51 -10.06
C LEU B 238 32.33 11.44 -10.18
N LYS B 239 33.40 11.16 -9.44
CA LYS B 239 34.59 11.99 -9.52
C LYS B 239 35.20 11.93 -10.92
N ARG B 240 35.33 10.72 -11.46
CA ARG B 240 35.89 10.56 -12.79
C ARG B 240 35.08 11.34 -13.81
N MET B 241 33.77 11.40 -13.62
CA MET B 241 32.91 12.13 -14.54
C MET B 241 33.00 13.63 -14.32
N SER B 242 33.11 14.05 -13.06
CA SER B 242 33.18 15.46 -12.72
C SER B 242 34.50 16.09 -13.10
N LYS B 243 35.51 15.30 -13.44
CA LYS B 243 36.77 15.84 -13.93
C LYS B 243 36.75 16.10 -15.43
N GLN B 244 35.56 16.29 -16.00
CA GLN B 244 35.41 16.63 -17.40
C GLN B 244 34.61 17.90 -17.63
N GLY B 245 34.10 18.53 -16.57
CA GLY B 245 33.30 19.73 -16.67
C GLY B 245 31.91 19.59 -16.10
N ARG B 246 31.42 18.37 -15.89
CA ARG B 246 30.13 18.19 -15.28
C ARG B 246 30.16 18.75 -13.86
N THR B 247 29.17 19.57 -13.54
CA THR B 247 29.04 20.17 -12.21
C THR B 247 28.10 19.31 -11.39
N ILE B 248 28.63 18.64 -10.37
CA ILE B 248 27.87 17.72 -9.55
C ILE B 248 27.59 18.36 -8.19
N ILE B 249 26.37 18.17 -7.71
CA ILE B 249 25.94 18.63 -6.40
C ILE B 249 25.17 17.49 -5.75
N PHE B 250 25.58 17.09 -4.56
CA PHE B 250 24.94 15.97 -3.90
C PHE B 250 24.99 16.11 -2.38
N SER B 251 24.01 15.49 -1.73
CA SER B 251 24.00 15.29 -0.30
C SER B 251 24.59 13.92 0.04
N ILE B 252 24.90 13.72 1.32
CA ILE B 252 25.54 12.48 1.72
C ILE B 252 25.53 12.33 3.23
N HIS B 253 25.58 11.09 3.71
CA HIS B 253 25.64 10.78 5.13
C HIS B 253 26.84 9.86 5.38
N GLN B 254 27.64 10.21 6.38
CA GLN B 254 28.73 9.36 6.84
C GLN B 254 29.67 8.97 5.71
N PRO B 255 30.35 9.92 5.09
CA PRO B 255 31.43 9.57 4.17
C PRO B 255 32.62 9.00 4.91
N ARG B 256 33.47 8.30 4.15
CA ARG B 256 34.77 7.89 4.67
C ARG B 256 35.86 8.79 4.11
N TYR B 257 37.02 8.74 4.76
CA TYR B 257 38.05 9.75 4.53
C TYR B 257 38.52 9.77 3.08
N SER B 258 38.69 8.60 2.47
CA SER B 258 39.08 8.56 1.07
C SER B 258 38.09 9.31 0.21
N ILE B 259 36.80 9.14 0.49
CA ILE B 259 35.78 9.92 -0.20
C ILE B 259 35.98 11.40 0.08
N PHE B 260 36.17 11.75 1.35
CA PHE B 260 36.26 13.15 1.73
C PHE B 260 37.40 13.88 1.02
N LYS B 261 38.45 13.16 0.65
CA LYS B 261 39.52 13.78 -0.12
C LYS B 261 39.10 14.05 -1.55
N LEU B 262 38.06 13.38 -2.04
CA LEU B 262 37.61 13.59 -3.41
C LEU B 262 36.91 14.92 -3.60
N PHE B 263 36.41 15.53 -2.53
CA PHE B 263 35.61 16.73 -2.67
C PHE B 263 36.43 17.89 -3.21
N ASP B 264 35.73 18.86 -3.77
CA ASP B 264 36.30 20.09 -4.26
C ASP B 264 35.66 21.32 -3.63
N SER B 265 34.37 21.23 -3.27
CA SER B 265 33.67 22.27 -2.55
C SER B 265 32.76 21.60 -1.52
N LEU B 266 32.58 22.26 -0.38
CA LEU B 266 31.81 21.70 0.72
C LEU B 266 30.77 22.71 1.19
N THR B 267 29.61 22.20 1.55
CA THR B 267 28.55 22.98 2.16
C THR B 267 28.02 22.23 3.38
N LEU B 268 27.77 22.95 4.46
CA LEU B 268 27.39 22.35 5.74
C LEU B 268 26.13 23.02 6.24
N LEU B 269 24.99 22.41 5.94
CA LEU B 269 23.70 22.92 6.40
C LEU B 269 23.38 22.36 7.78
N ALA B 270 22.70 23.18 8.58
CA ALA B 270 22.24 22.77 9.89
C ALA B 270 21.13 23.67 10.40
N SER B 271 19.94 23.10 10.61
CA SER B 271 18.78 23.87 11.04
C SER B 271 18.56 25.08 10.15
N GLY B 272 18.64 24.87 8.85
CA GLY B 272 18.49 25.96 7.90
C GLY B 272 19.71 26.81 7.73
N ARG B 273 20.35 27.20 8.83
CA ARG B 273 21.48 28.11 8.76
C ARG B 273 22.67 27.44 8.07
N LEU B 274 23.53 28.28 7.51
CA LEU B 274 24.76 27.81 6.88
C LEU B 274 25.90 27.91 7.88
N MET B 275 26.55 26.77 8.15
CA MET B 275 27.67 26.76 9.08
C MET B 275 28.99 27.08 8.38
N PHE B 276 29.25 26.41 7.27
CA PHE B 276 30.49 26.62 6.54
C PHE B 276 30.29 26.32 5.07
N HIS B 277 30.97 27.10 4.24
CA HIS B 277 31.01 26.86 2.80
C HIS B 277 32.36 27.29 2.26
N GLY B 278 33.02 26.38 1.55
CA GLY B 278 34.32 26.64 0.99
C GLY B 278 35.00 25.35 0.59
N PRO B 279 36.29 25.42 0.31
CA PRO B 279 37.03 24.21 -0.07
C PRO B 279 37.00 23.18 1.05
N ALA B 280 37.00 21.91 0.65
CA ALA B 280 36.95 20.83 1.62
C ALA B 280 38.15 20.86 2.56
N GLN B 281 39.33 21.13 2.03
CA GLN B 281 40.55 21.05 2.82
C GLN B 281 40.55 22.09 3.94
N GLU B 282 40.15 23.32 3.62
CA GLU B 282 40.27 24.42 4.56
C GLU B 282 39.25 24.37 5.69
N ALA B 283 38.25 23.49 5.60
CA ALA B 283 37.22 23.45 6.64
C ALA B 283 37.82 23.08 7.99
N LEU B 284 38.69 22.06 7.99
CA LEU B 284 39.26 21.60 9.25
C LEU B 284 40.05 22.71 9.93
N GLY B 285 40.88 23.42 9.16
CA GLY B 285 41.63 24.52 9.73
C GLY B 285 40.73 25.66 10.20
N TYR B 286 39.66 25.92 9.44
CA TYR B 286 38.72 26.95 9.87
C TYR B 286 38.19 26.66 11.25
N PHE B 287 37.75 25.42 11.48
CA PHE B 287 37.30 25.04 12.83
C PHE B 287 38.45 25.07 13.82
N GLU B 288 39.61 24.57 13.41
CA GLU B 288 40.78 24.53 14.30
C GLU B 288 41.05 25.90 14.89
N SER B 289 41.04 26.93 14.05
CA SER B 289 41.27 28.29 14.52
C SER B 289 40.25 28.66 15.59
N ALA B 290 38.97 28.45 15.30
CA ALA B 290 37.93 28.80 16.27
C ALA B 290 37.97 27.88 17.47
N GLY B 291 38.29 26.61 17.27
CA GLY B 291 38.30 25.68 18.39
C GLY B 291 38.41 24.23 18.01
N TYR B 292 38.10 23.34 18.95
CA TYR B 292 37.87 21.94 18.63
C TYR B 292 39.11 21.36 17.94
N HIS B 293 40.19 21.30 18.69
CA HIS B 293 41.51 20.96 18.19
C HIS B 293 41.62 19.50 17.78
N CYS B 294 40.93 19.08 16.72
CA CYS B 294 40.38 17.71 16.65
C CYS B 294 41.47 16.75 17.09
N GLU B 295 42.48 16.49 16.26
CA GLU B 295 43.72 15.89 16.72
C GLU B 295 43.45 14.52 17.35
N ALA B 296 42.19 14.07 17.30
CA ALA B 296 41.82 12.81 17.93
C ALA B 296 40.84 12.01 17.07
N TYR B 297 39.84 12.68 16.49
CA TYR B 297 38.95 12.00 15.56
C TYR B 297 39.73 11.54 14.33
N ASN B 298 39.27 10.45 13.72
CA ASN B 298 39.93 9.88 12.56
C ASN B 298 39.30 10.34 11.25
N ASN B 299 37.99 10.44 11.21
CA ASN B 299 37.27 10.83 10.00
C ASN B 299 36.72 12.23 10.18
N PRO B 300 37.19 13.22 9.42
CA PRO B 300 36.75 14.61 9.68
C PRO B 300 35.26 14.80 9.63
N ALA B 301 34.53 14.03 8.82
CA ALA B 301 33.08 14.21 8.74
C ALA B 301 32.43 14.02 10.10
N ASP B 302 32.82 12.97 10.81
CA ASP B 302 32.28 12.74 12.15
C ASP B 302 32.60 13.92 13.06
N PHE B 303 33.81 14.45 12.93
CA PHE B 303 34.20 15.60 13.74
C PHE B 303 33.31 16.80 13.45
N PHE B 304 33.01 17.04 12.18
CA PHE B 304 32.21 18.20 11.82
C PHE B 304 30.81 18.08 12.40
N LEU B 305 30.22 16.89 12.36
CA LEU B 305 28.89 16.72 12.93
C LEU B 305 28.89 16.71 14.45
N ASP B 306 29.97 16.24 15.06
CA ASP B 306 30.03 16.22 16.52
C ASP B 306 30.01 17.60 17.12
N ILE B 307 30.28 18.64 16.33
CA ILE B 307 30.15 20.00 16.79
C ILE B 307 28.75 20.55 16.59
N ILE B 308 28.08 20.19 15.51
CA ILE B 308 26.68 20.59 15.35
C ILE B 308 25.84 19.97 16.44
N ASN B 309 26.07 18.71 16.75
CA ASN B 309 25.28 17.99 17.74
C ASN B 309 25.76 18.23 19.17
N GLY B 310 26.64 19.21 19.38
CA GLY B 310 27.04 19.60 20.72
C GLY B 310 28.14 18.79 21.34
N ASP B 311 28.64 17.75 20.67
CA ASP B 311 29.71 16.93 21.21
C ASP B 311 31.05 17.61 21.05
N LYS B 336 23.92 32.59 22.52
CA LYS B 336 23.96 31.46 23.45
C LYS B 336 23.70 30.14 22.72
N PRO B 337 22.64 30.04 21.93
CA PRO B 337 22.36 28.77 21.24
C PRO B 337 23.53 28.36 20.37
N LEU B 338 23.79 27.06 20.35
CA LEU B 338 24.96 26.54 19.65
C LEU B 338 24.90 26.86 18.16
N ILE B 339 23.73 26.66 17.56
CA ILE B 339 23.59 26.87 16.11
C ILE B 339 23.90 28.32 15.76
N GLU B 340 23.28 29.25 16.47
CA GLU B 340 23.45 30.67 16.15
C GLU B 340 24.89 31.09 16.34
N LYS B 341 25.53 30.58 17.39
CA LYS B 341 26.92 30.92 17.66
C LYS B 341 27.82 30.57 16.48
N LEU B 342 27.72 29.32 16.00
CA LEU B 342 28.53 28.91 14.87
C LEU B 342 28.22 29.72 13.63
N ALA B 343 26.94 29.96 13.37
CA ALA B 343 26.57 30.68 12.15
C ALA B 343 27.15 32.09 12.17
N GLU B 344 27.13 32.74 13.33
CA GLU B 344 27.70 34.08 13.42
C GLU B 344 29.22 34.04 13.28
N ILE B 345 29.84 32.99 13.81
CA ILE B 345 31.27 32.83 13.58
C ILE B 345 31.54 32.76 12.09
N TYR B 346 30.69 32.06 11.35
CA TYR B 346 30.88 31.97 9.90
C TYR B 346 30.74 33.33 9.23
N VAL B 347 29.64 34.03 9.47
CA VAL B 347 29.46 35.34 8.83
C VAL B 347 30.56 36.31 9.20
N ASN B 348 31.30 36.03 10.26
CA ASN B 348 32.47 36.83 10.61
C ASN B 348 33.74 36.25 10.02
N SER B 349 33.62 35.20 9.21
CA SER B 349 34.77 34.55 8.60
C SER B 349 35.13 35.21 7.28
N SER B 350 36.40 35.06 6.90
CA SER B 350 36.86 35.59 5.62
C SER B 350 36.12 34.97 4.45
N PHE B 351 35.76 33.69 4.58
CA PHE B 351 35.13 32.99 3.47
C PHE B 351 33.85 33.67 3.04
N TYR B 352 33.01 34.03 4.01
CA TYR B 352 31.73 34.67 3.68
C TYR B 352 31.94 36.03 3.05
N LYS B 353 32.88 36.80 3.56
CA LYS B 353 33.20 38.07 2.92
C LYS B 353 33.57 37.87 1.46
N GLU B 354 34.43 36.89 1.20
CA GLU B 354 34.88 36.66 -0.17
C GLU B 354 33.72 36.27 -1.07
N THR B 355 32.86 35.38 -0.60
CA THR B 355 31.78 34.90 -1.46
C THR B 355 30.73 35.97 -1.67
N LYS B 356 30.48 36.81 -0.65
CA LYS B 356 29.59 37.95 -0.85
C LYS B 356 30.16 38.89 -1.90
N ALA B 357 31.47 39.13 -1.84
CA ALA B 357 32.11 39.97 -2.85
C ALA B 357 31.89 39.39 -4.25
N GLU B 358 32.16 38.10 -4.43
CA GLU B 358 32.02 37.49 -5.74
C GLU B 358 30.56 37.53 -6.21
N LEU B 359 29.62 37.23 -5.31
CA LEU B 359 28.22 37.23 -5.68
C LEU B 359 27.78 38.61 -6.15
N HIS B 360 28.17 39.65 -5.42
CA HIS B 360 27.77 41.00 -5.81
C HIS B 360 28.44 41.39 -7.12
N GLN B 361 29.69 40.98 -7.32
CA GLN B 361 30.37 41.30 -8.58
C GLN B 361 29.69 40.65 -9.77
N LEU B 362 29.41 39.35 -9.67
CA LEU B 362 28.74 38.66 -10.77
C LEU B 362 27.36 39.24 -11.02
N SER B 363 26.61 39.51 -9.96
CA SER B 363 25.27 40.06 -10.11
C SER B 363 25.33 41.53 -10.50
N TYR B 379 9.91 21.20 -26.08
CA TYR B 379 10.34 19.91 -25.58
C TYR B 379 11.30 19.22 -26.55
N THR B 380 12.04 18.24 -26.05
CA THR B 380 13.01 17.52 -26.88
C THR B 380 12.35 16.76 -28.00
N THR B 381 11.32 15.98 -27.68
CA THR B 381 10.77 14.99 -28.58
C THR B 381 9.29 15.27 -28.81
N SER B 382 8.84 15.03 -30.03
CA SER B 382 7.51 15.43 -30.45
C SER B 382 6.43 14.73 -29.63
N PHE B 383 5.19 14.98 -30.02
CA PHE B 383 4.04 14.43 -29.31
C PHE B 383 3.90 12.93 -29.54
N CYS B 384 4.01 12.51 -30.80
CA CYS B 384 3.74 11.11 -31.13
C CYS B 384 4.70 10.18 -30.41
N HIS B 385 5.98 10.55 -30.36
CA HIS B 385 6.97 9.68 -29.72
C HIS B 385 6.64 9.49 -28.26
N GLN B 386 6.31 10.57 -27.57
CA GLN B 386 5.92 10.48 -26.16
C GLN B 386 4.72 9.58 -26.00
N LEU B 387 3.73 9.76 -26.85
CA LEU B 387 2.51 8.97 -26.74
C LEU B 387 2.80 7.48 -26.89
N ARG B 388 3.61 7.13 -27.90
CA ARG B 388 3.89 5.73 -28.14
C ARG B 388 4.60 5.09 -26.96
N TRP B 389 5.62 5.76 -26.43
CA TRP B 389 6.42 5.12 -25.39
C TRP B 389 5.66 5.03 -24.08
N VAL B 390 4.83 6.03 -23.78
CA VAL B 390 3.98 5.94 -22.60
C VAL B 390 3.03 4.78 -22.73
N SER B 391 2.40 4.63 -23.90
CA SER B 391 1.45 3.54 -24.09
C SER B 391 2.13 2.19 -23.93
N LYS B 392 3.34 2.05 -24.44
CA LYS B 392 4.05 0.77 -24.30
C LYS B 392 4.34 0.48 -22.84
N ARG B 393 4.83 1.47 -22.09
CA ARG B 393 5.06 1.26 -20.67
C ARG B 393 3.80 0.82 -19.95
N SER B 394 2.65 1.39 -20.30
CA SER B 394 1.40 1.00 -19.67
C SER B 394 0.95 -0.38 -20.10
N PHE B 395 1.18 -0.75 -21.36
CA PHE B 395 0.95 -2.13 -21.77
C PHE B 395 1.66 -3.07 -20.81
N LYS B 396 2.95 -2.82 -20.60
CA LYS B 396 3.75 -3.74 -19.81
C LYS B 396 3.31 -3.76 -18.36
N ASN B 397 3.05 -2.59 -17.79
CA ASN B 397 2.63 -2.54 -16.39
C ASN B 397 1.31 -3.27 -16.19
N LEU B 398 0.36 -3.06 -17.11
CA LEU B 398 -0.94 -3.70 -16.97
C LEU B 398 -0.83 -5.21 -17.09
N LEU B 399 -0.09 -5.69 -18.09
CA LEU B 399 0.11 -7.12 -18.24
C LEU B 399 0.86 -7.72 -17.06
N GLY B 400 1.69 -6.91 -16.39
CA GLY B 400 2.44 -7.37 -15.25
C GLY B 400 1.73 -7.22 -13.92
N ASN B 401 0.54 -6.63 -13.93
CA ASN B 401 -0.24 -6.44 -12.72
C ASN B 401 -1.49 -7.31 -12.83
N PRO B 402 -1.41 -8.61 -12.53
CA PRO B 402 -2.47 -9.53 -12.96
C PRO B 402 -3.66 -9.55 -12.02
N GLN B 403 -4.15 -8.38 -11.65
CA GLN B 403 -5.37 -8.27 -10.88
C GLN B 403 -6.39 -7.33 -11.49
N ALA B 404 -6.06 -6.65 -12.59
CA ALA B 404 -6.99 -5.80 -13.31
C ALA B 404 -7.20 -6.25 -14.75
N SER B 405 -6.38 -7.16 -15.24
CA SER B 405 -6.51 -7.60 -16.63
C SER B 405 -6.93 -9.06 -16.73
N ILE B 406 -6.10 -9.95 -16.17
CA ILE B 406 -6.35 -11.38 -16.34
C ILE B 406 -7.43 -11.84 -15.39
N ALA B 407 -7.37 -11.40 -14.14
CA ALA B 407 -8.42 -11.74 -13.19
C ALA B 407 -9.76 -11.22 -13.68
N GLN B 408 -9.78 -10.00 -14.19
CA GLN B 408 -11.03 -9.42 -14.66
C GLN B 408 -11.59 -10.20 -15.84
N ILE B 409 -10.74 -10.55 -16.82
CA ILE B 409 -11.22 -11.31 -17.95
C ILE B 409 -11.77 -12.66 -17.49
N ILE B 410 -11.04 -13.34 -16.61
CA ILE B 410 -11.45 -14.68 -16.21
C ILE B 410 -12.77 -14.63 -15.45
N VAL B 411 -12.91 -13.69 -14.52
CA VAL B 411 -14.16 -13.62 -13.77
C VAL B 411 -15.30 -13.26 -14.70
N THR B 412 -15.02 -12.42 -15.70
CA THR B 412 -16.06 -12.10 -16.68
C THR B 412 -16.54 -13.36 -17.40
N VAL B 413 -15.59 -14.20 -17.81
CA VAL B 413 -15.96 -15.41 -18.54
C VAL B 413 -16.78 -16.33 -17.65
N VAL B 414 -16.32 -16.53 -16.41
CA VAL B 414 -17.01 -17.42 -15.49
C VAL B 414 -18.42 -16.92 -15.24
N LEU B 415 -18.56 -15.62 -15.00
CA LEU B 415 -19.88 -15.06 -14.77
C LEU B 415 -20.77 -15.24 -15.98
N GLY B 416 -20.23 -15.04 -17.18
CA GLY B 416 -21.03 -15.20 -18.37
C GLY B 416 -21.57 -16.61 -18.49
N LEU B 417 -20.71 -17.60 -18.25
CA LEU B 417 -21.16 -18.99 -18.34
C LEU B 417 -22.18 -19.31 -17.27
N VAL B 418 -21.95 -18.85 -16.05
CA VAL B 418 -22.87 -19.14 -14.96
C VAL B 418 -24.24 -18.54 -15.26
N ILE B 419 -24.25 -17.27 -15.66
CA ILE B 419 -25.49 -16.62 -16.06
C ILE B 419 -26.18 -17.40 -17.15
N GLY B 420 -25.42 -17.84 -18.15
CA GLY B 420 -26.00 -18.61 -19.22
C GLY B 420 -26.70 -19.87 -18.72
N ALA B 421 -26.09 -20.52 -17.75
CA ALA B 421 -26.68 -21.76 -17.22
C ALA B 421 -27.91 -21.45 -16.38
N ILE B 422 -27.88 -20.36 -15.63
CA ILE B 422 -28.96 -20.05 -14.70
C ILE B 422 -30.22 -19.67 -15.45
N TYR B 423 -30.14 -18.59 -16.24
CA TYR B 423 -31.29 -18.05 -16.95
C TYR B 423 -31.56 -18.81 -18.23
N PHE B 424 -30.98 -19.99 -18.40
CA PHE B 424 -31.10 -20.70 -19.65
C PHE B 424 -32.55 -20.94 -20.00
N GLY B 425 -32.86 -20.78 -21.28
CA GLY B 425 -34.18 -21.04 -21.79
C GLY B 425 -35.23 -20.11 -21.22
N LEU B 426 -35.05 -18.82 -21.43
CA LEU B 426 -36.05 -17.85 -21.01
C LEU B 426 -37.35 -18.13 -21.74
N LYS B 427 -38.45 -18.02 -21.00
CA LYS B 427 -39.77 -18.37 -21.50
C LYS B 427 -40.66 -17.14 -21.51
N ASN B 428 -41.51 -17.06 -22.54
CA ASN B 428 -42.52 -16.02 -22.63
C ASN B 428 -43.71 -16.45 -21.78
N ASP B 429 -43.50 -16.40 -20.47
CA ASP B 429 -44.50 -16.81 -19.49
C ASP B 429 -44.54 -15.75 -18.41
N SER B 430 -45.15 -16.08 -17.27
CA SER B 430 -45.25 -15.11 -16.19
C SER B 430 -43.88 -14.68 -15.70
N THR B 431 -42.95 -15.63 -15.60
CA THR B 431 -41.63 -15.35 -15.05
C THR B 431 -40.70 -14.65 -16.03
N GLY B 432 -41.12 -14.49 -17.28
CA GLY B 432 -40.19 -13.96 -18.28
C GLY B 432 -39.69 -12.57 -17.91
N ILE B 433 -40.60 -11.72 -17.45
CA ILE B 433 -40.27 -10.32 -17.20
C ILE B 433 -39.21 -10.22 -16.12
N GLN B 434 -39.41 -10.92 -15.01
CA GLN B 434 -38.50 -10.81 -13.89
C GLN B 434 -37.09 -11.24 -14.28
N ASN B 435 -36.97 -12.40 -14.92
CA ASN B 435 -35.67 -12.89 -15.33
C ASN B 435 -34.99 -11.95 -16.30
N ARG B 436 -35.73 -11.49 -17.32
CA ARG B 436 -35.13 -10.65 -18.34
C ARG B 436 -34.60 -9.36 -17.73
N ALA B 437 -35.44 -8.67 -16.96
CA ALA B 437 -35.00 -7.42 -16.35
C ALA B 437 -33.82 -7.66 -15.41
N GLY B 438 -33.84 -8.76 -14.68
CA GLY B 438 -32.76 -9.01 -13.74
C GLY B 438 -31.43 -9.19 -14.43
N VAL B 439 -31.41 -9.99 -15.50
CA VAL B 439 -30.15 -10.24 -16.19
C VAL B 439 -29.59 -8.95 -16.76
N LEU B 440 -30.47 -8.14 -17.38
CA LEU B 440 -30.00 -6.89 -17.96
C LEU B 440 -29.43 -5.98 -16.89
N PHE B 441 -30.11 -5.90 -15.75
CA PHE B 441 -29.64 -5.06 -14.65
C PHE B 441 -28.27 -5.53 -14.16
N PHE B 442 -28.09 -6.84 -14.05
CA PHE B 442 -26.83 -7.36 -13.55
C PHE B 442 -25.68 -7.01 -14.48
N LEU B 443 -25.88 -7.22 -15.78
CA LEU B 443 -24.82 -6.90 -16.72
C LEU B 443 -24.45 -5.43 -16.61
N THR B 444 -25.45 -4.56 -16.56
CA THR B 444 -25.18 -3.13 -16.48
C THR B 444 -24.36 -2.78 -15.25
N THR B 445 -24.78 -3.27 -14.08
CA THR B 445 -24.06 -2.94 -12.86
C THR B 445 -22.65 -3.46 -12.89
N ASN B 446 -22.46 -4.70 -13.37
CA ASN B 446 -21.13 -5.27 -13.37
C ASN B 446 -20.20 -4.45 -14.23
N GLN B 447 -20.68 -3.98 -15.39
CA GLN B 447 -19.85 -3.11 -16.21
C GLN B 447 -19.53 -1.82 -15.47
N CYS B 448 -20.48 -1.28 -14.73
CA CYS B 448 -20.25 -0.01 -14.06
C CYS B 448 -19.23 -0.16 -12.94
N PHE B 449 -19.31 -1.24 -12.17
CA PHE B 449 -18.50 -1.42 -10.97
C PHE B 449 -17.14 -2.04 -11.26
N SER B 450 -16.86 -2.39 -12.50
CA SER B 450 -15.61 -3.05 -12.86
C SER B 450 -14.52 -2.05 -13.22
N SER B 451 -14.80 -0.76 -13.08
CA SER B 451 -13.86 0.27 -13.44
C SER B 451 -13.02 0.78 -12.28
N VAL B 452 -13.39 0.39 -11.05
CA VAL B 452 -12.66 0.86 -9.87
C VAL B 452 -11.22 0.39 -9.92
N SER B 453 -11.01 -0.87 -10.30
CA SER B 453 -9.66 -1.43 -10.28
C SER B 453 -8.74 -0.68 -11.23
N ALA B 454 -9.20 -0.41 -12.46
CA ALA B 454 -8.31 0.19 -13.45
C ALA B 454 -7.86 1.57 -13.03
N VAL B 455 -8.79 2.40 -12.55
CA VAL B 455 -8.44 3.76 -12.15
C VAL B 455 -7.50 3.73 -10.95
N GLU B 456 -7.63 2.73 -10.09
CA GLU B 456 -6.81 2.67 -8.90
C GLU B 456 -5.34 2.58 -9.27
N LEU B 457 -5.02 1.80 -10.31
CA LEU B 457 -3.65 1.79 -10.84
C LEU B 457 -3.26 3.15 -11.38
N PHE B 458 -4.22 4.01 -11.71
CA PHE B 458 -3.91 5.34 -12.21
C PHE B 458 -3.63 6.29 -11.05
N VAL B 459 -4.21 6.00 -9.89
CA VAL B 459 -4.00 6.84 -8.72
C VAL B 459 -2.59 6.68 -8.17
N VAL B 460 -2.13 5.44 -8.02
CA VAL B 460 -0.87 5.18 -7.35
C VAL B 460 0.29 5.87 -8.07
N GLU B 461 0.18 5.99 -9.40
CA GLU B 461 1.27 6.56 -10.18
C GLU B 461 1.39 8.06 -10.05
N LYS B 462 0.46 8.70 -9.33
CA LYS B 462 0.47 10.15 -9.18
C LYS B 462 1.88 10.69 -8.92
N LYS B 463 2.52 10.20 -7.86
CA LYS B 463 3.82 10.71 -7.48
C LYS B 463 4.84 10.51 -8.60
N LEU B 464 4.84 9.32 -9.20
CA LEU B 464 5.72 9.04 -10.31
C LEU B 464 5.47 10.01 -11.46
N PHE B 465 4.20 10.26 -11.77
CA PHE B 465 3.87 11.15 -12.87
C PHE B 465 4.43 12.54 -12.61
N ILE B 466 4.27 13.04 -11.38
CA ILE B 466 4.75 14.38 -11.07
C ILE B 466 6.25 14.45 -11.24
N HIS B 467 6.97 13.46 -10.72
CA HIS B 467 8.43 13.49 -10.84
C HIS B 467 8.85 13.47 -12.30
N GLU B 468 8.23 12.60 -13.10
CA GLU B 468 8.61 12.50 -14.50
C GLU B 468 8.23 13.75 -15.28
N TYR B 469 7.15 14.42 -14.90
CA TYR B 469 6.80 15.64 -15.61
C TYR B 469 7.81 16.73 -15.33
N ILE B 470 8.15 16.93 -14.06
CA ILE B 470 9.09 17.98 -13.71
C ILE B 470 10.43 17.71 -14.37
N SER B 471 10.89 16.47 -14.31
CA SER B 471 12.20 16.14 -14.87
C SER B 471 12.28 16.49 -16.35
N GLY B 472 11.15 16.54 -17.03
CA GLY B 472 11.09 16.92 -18.41
C GLY B 472 10.81 15.80 -19.39
N TYR B 473 10.20 14.70 -18.95
CA TYR B 473 9.94 13.57 -19.84
C TYR B 473 8.90 13.93 -20.89
N TYR B 474 7.65 14.06 -20.46
CA TYR B 474 6.51 14.15 -21.37
C TYR B 474 5.63 15.31 -20.96
N ARG B 475 4.79 15.73 -21.90
CA ARG B 475 3.74 16.69 -21.60
C ARG B 475 2.62 16.02 -20.82
N VAL B 476 1.66 16.83 -20.38
CA VAL B 476 0.49 16.28 -19.72
C VAL B 476 -0.40 15.56 -20.72
N SER B 477 -0.67 16.21 -21.85
CA SER B 477 -1.57 15.63 -22.85
C SER B 477 -1.10 14.25 -23.27
N SER B 478 0.20 14.09 -23.47
CA SER B 478 0.75 12.81 -23.90
C SER B 478 0.46 11.73 -22.87
N TYR B 479 0.73 12.02 -21.59
CA TYR B 479 0.52 11.02 -20.56
C TYR B 479 -0.94 10.63 -20.48
N PHE B 480 -1.83 11.63 -20.58
CA PHE B 480 -3.26 11.34 -20.55
C PHE B 480 -3.64 10.39 -21.67
N LEU B 481 -3.43 10.82 -22.92
CA LEU B 481 -3.87 10.01 -24.04
C LEU B 481 -3.20 8.65 -24.07
N GLY B 482 -1.96 8.57 -23.61
CA GLY B 482 -1.27 7.31 -23.59
C GLY B 482 -1.94 6.34 -22.65
N LYS B 483 -2.18 6.79 -21.42
CA LYS B 483 -2.85 5.91 -20.47
C LYS B 483 -4.24 5.53 -20.96
N LEU B 484 -4.90 6.41 -21.71
CA LEU B 484 -6.21 6.08 -22.25
C LEU B 484 -6.12 4.99 -23.30
N LEU B 485 -5.29 5.21 -24.32
CA LEU B 485 -5.17 4.23 -25.39
C LEU B 485 -4.57 2.93 -24.92
N SER B 486 -3.99 2.90 -23.72
CA SER B 486 -3.38 1.67 -23.23
C SER B 486 -4.28 0.91 -22.28
N ASP B 487 -5.00 1.61 -21.41
CA ASP B 487 -5.78 0.98 -20.35
C ASP B 487 -7.28 1.09 -20.61
N LEU B 488 -7.79 2.30 -20.78
CA LEU B 488 -9.24 2.49 -20.83
C LEU B 488 -9.83 1.85 -22.08
N LEU B 489 -9.19 2.03 -23.22
CA LEU B 489 -9.79 1.56 -24.47
C LEU B 489 -9.73 0.05 -24.61
N PRO B 490 -8.57 -0.59 -24.56
CA PRO B 490 -8.50 -2.01 -24.91
C PRO B 490 -9.27 -2.90 -23.94
N MET B 491 -8.95 -2.77 -22.66
CA MET B 491 -9.41 -3.75 -21.69
C MET B 491 -10.90 -3.60 -21.41
N ARG B 492 -11.42 -2.39 -21.48
CA ARG B 492 -12.82 -2.17 -21.13
C ARG B 492 -13.75 -2.62 -22.25
N MET B 493 -13.23 -2.72 -23.47
CA MET B 493 -14.07 -3.08 -24.61
C MET B 493 -14.38 -4.57 -24.63
N LEU B 494 -13.42 -5.39 -24.23
CA LEU B 494 -13.55 -6.84 -24.36
C LEU B 494 -14.70 -7.42 -23.54
N PRO B 495 -14.85 -7.09 -22.26
CA PRO B 495 -15.89 -7.70 -21.44
C PRO B 495 -17.26 -7.70 -22.09
N SER B 496 -17.66 -6.59 -22.71
CA SER B 496 -18.96 -6.55 -23.37
C SER B 496 -19.05 -7.59 -24.47
N ILE B 497 -17.99 -7.71 -25.28
CA ILE B 497 -18.02 -8.67 -26.37
C ILE B 497 -18.18 -10.07 -25.84
N ILE B 498 -17.38 -10.43 -24.84
CA ILE B 498 -17.44 -11.78 -24.30
C ILE B 498 -18.81 -12.04 -23.67
N PHE B 499 -19.26 -11.11 -22.82
CA PHE B 499 -20.55 -11.25 -22.17
C PHE B 499 -21.65 -11.51 -23.18
N THR B 500 -21.74 -10.67 -24.21
CA THR B 500 -22.82 -10.79 -25.17
C THR B 500 -22.70 -12.08 -25.97
N CYS B 501 -21.51 -12.38 -26.47
CA CYS B 501 -21.33 -13.56 -27.29
C CYS B 501 -21.80 -14.81 -26.56
N ILE B 502 -21.45 -14.92 -25.28
CA ILE B 502 -21.84 -16.10 -24.51
C ILE B 502 -23.33 -16.05 -24.18
N VAL B 503 -23.80 -14.92 -23.66
CA VAL B 503 -25.12 -14.86 -23.03
C VAL B 503 -26.22 -14.95 -24.07
N TYR B 504 -26.11 -14.18 -25.15
CA TYR B 504 -27.28 -13.85 -25.96
C TYR B 504 -27.97 -15.11 -26.48
N PHE B 505 -27.20 -16.08 -26.93
CA PHE B 505 -27.77 -17.25 -27.58
C PHE B 505 -28.11 -18.37 -26.62
N MET B 506 -27.45 -18.41 -25.47
CA MET B 506 -27.82 -19.38 -24.45
C MET B 506 -29.18 -19.04 -23.86
N LEU B 507 -29.36 -17.78 -23.43
CA LEU B 507 -30.62 -17.39 -22.82
C LEU B 507 -31.78 -17.51 -23.79
N GLY B 508 -31.66 -16.87 -24.96
CA GLY B 508 -32.73 -16.88 -25.93
C GLY B 508 -33.37 -15.53 -26.13
N LEU B 509 -32.55 -14.49 -26.10
CA LEU B 509 -33.05 -13.12 -26.28
C LEU B 509 -33.44 -12.89 -27.73
N LYS B 510 -33.68 -11.63 -28.06
CA LYS B 510 -34.25 -11.26 -29.34
C LYS B 510 -33.42 -11.87 -30.48
N PRO B 511 -34.03 -12.67 -31.35
CA PRO B 511 -33.28 -13.33 -32.43
C PRO B 511 -33.11 -12.46 -33.67
N LYS B 512 -32.46 -11.32 -33.50
CA LYS B 512 -32.17 -10.42 -34.60
C LYS B 512 -30.78 -9.85 -34.40
N ALA B 513 -30.03 -9.74 -35.50
CA ALA B 513 -28.66 -9.27 -35.42
C ALA B 513 -28.60 -7.85 -34.88
N ASP B 514 -29.51 -7.00 -35.33
CA ASP B 514 -29.49 -5.60 -34.92
C ASP B 514 -29.46 -5.48 -33.40
N ALA B 515 -30.33 -6.23 -32.74
CA ALA B 515 -30.37 -6.19 -31.28
C ALA B 515 -29.06 -6.66 -30.69
N PHE B 516 -28.46 -7.68 -31.27
CA PHE B 516 -27.19 -8.19 -30.76
C PHE B 516 -26.14 -7.10 -30.73
N PHE B 517 -25.95 -6.43 -31.86
CA PHE B 517 -24.89 -5.42 -31.94
C PHE B 517 -25.24 -4.21 -31.11
N VAL B 518 -26.54 -3.88 -31.01
CA VAL B 518 -26.95 -2.77 -30.16
C VAL B 518 -26.59 -3.05 -28.71
N MET B 519 -26.83 -4.28 -28.27
CA MET B 519 -26.49 -4.66 -26.90
C MET B 519 -25.00 -4.53 -26.65
N MET B 520 -24.19 -5.02 -27.59
CA MET B 520 -22.75 -4.93 -27.43
C MET B 520 -22.30 -3.48 -27.34
N PHE B 521 -22.79 -2.64 -28.26
CA PHE B 521 -22.42 -1.24 -28.28
C PHE B 521 -22.83 -0.54 -26.99
N THR B 522 -24.03 -0.81 -26.52
CA THR B 522 -24.51 -0.18 -25.29
C THR B 522 -23.62 -0.53 -24.10
N LEU B 523 -23.23 -1.81 -23.99
CA LEU B 523 -22.37 -2.19 -22.88
C LEU B 523 -21.02 -1.48 -22.97
N MET B 524 -20.47 -1.37 -24.17
CA MET B 524 -19.23 -0.61 -24.31
C MET B 524 -19.39 0.79 -23.76
N MET B 525 -20.48 1.46 -24.15
CA MET B 525 -20.65 2.86 -23.79
C MET B 525 -20.77 3.03 -22.28
N VAL B 526 -21.53 2.17 -21.61
CA VAL B 526 -21.64 2.31 -20.16
C VAL B 526 -20.29 2.09 -19.51
N ALA B 527 -19.52 1.12 -20.02
CA ALA B 527 -18.21 0.85 -19.43
C ALA B 527 -17.31 2.07 -19.54
N TYR B 528 -17.24 2.65 -20.73
CA TYR B 528 -16.37 3.80 -20.92
C TYR B 528 -16.81 4.99 -20.07
N SER B 529 -18.12 5.21 -19.97
CA SER B 529 -18.60 6.33 -19.17
C SER B 529 -18.22 6.14 -17.70
N ALA B 530 -18.36 4.93 -17.19
CA ALA B 530 -17.98 4.68 -15.80
C ALA B 530 -16.50 4.92 -15.60
N SER B 531 -15.67 4.44 -16.52
CA SER B 531 -14.23 4.65 -16.38
C SER B 531 -13.90 6.14 -16.42
N SER B 532 -14.58 6.89 -17.28
CA SER B 532 -14.35 8.33 -17.35
C SER B 532 -14.70 9.00 -16.04
N MET B 533 -15.85 8.65 -15.46
CA MET B 533 -16.24 9.25 -14.21
C MET B 533 -15.23 8.93 -13.11
N ALA B 534 -14.77 7.69 -13.07
CA ALA B 534 -13.78 7.29 -12.09
C ALA B 534 -12.50 8.09 -12.26
N LEU B 535 -12.07 8.29 -13.51
CA LEU B 535 -10.88 9.10 -13.75
C LEU B 535 -11.07 10.52 -13.27
N ALA B 536 -12.22 11.11 -13.55
CA ALA B 536 -12.47 12.48 -13.12
C ALA B 536 -12.37 12.60 -11.62
N ILE B 537 -12.99 11.65 -10.90
CA ILE B 537 -12.98 11.70 -9.45
C ILE B 537 -11.60 11.41 -8.90
N ALA B 538 -10.89 10.47 -9.47
CA ALA B 538 -9.65 9.96 -8.90
C ALA B 538 -8.42 10.63 -9.47
N ALA B 539 -8.58 11.59 -10.36
CA ALA B 539 -7.42 12.29 -10.90
C ALA B 539 -6.90 13.31 -9.89
N GLY B 540 -5.61 13.25 -9.63
CA GLY B 540 -5.02 14.15 -8.66
C GLY B 540 -5.46 13.92 -7.24
N GLN B 541 -5.68 12.66 -6.86
CA GLN B 541 -5.94 12.28 -5.48
C GLN B 541 -4.84 11.31 -5.05
N SER B 542 -4.22 11.61 -3.92
CA SER B 542 -3.04 10.86 -3.50
C SER B 542 -3.41 9.47 -3.00
N VAL B 543 -4.49 9.37 -2.22
CA VAL B 543 -4.85 8.14 -1.54
C VAL B 543 -5.84 7.36 -2.38
N VAL B 544 -5.74 6.04 -2.33
CA VAL B 544 -6.61 5.18 -3.12
C VAL B 544 -7.88 4.80 -2.37
N SER B 545 -7.80 4.60 -1.05
CA SER B 545 -8.96 4.15 -0.29
C SER B 545 -10.07 5.18 -0.33
N VAL B 546 -9.70 6.45 -0.21
CA VAL B 546 -10.68 7.54 -0.29
C VAL B 546 -11.34 7.57 -1.67
N ALA B 547 -10.53 7.48 -2.72
CA ALA B 547 -11.08 7.52 -4.06
C ALA B 547 -11.99 6.33 -4.32
N THR B 548 -11.57 5.15 -3.89
CA THR B 548 -12.42 3.97 -4.05
C THR B 548 -13.74 4.15 -3.34
N LEU B 549 -13.70 4.68 -2.13
CA LEU B 549 -14.93 4.94 -1.40
C LEU B 549 -15.84 5.88 -2.17
N LEU B 550 -15.29 6.99 -2.65
CA LEU B 550 -16.11 7.99 -3.33
C LEU B 550 -16.77 7.39 -4.55
N MET B 551 -15.99 6.69 -5.37
CA MET B 551 -16.54 6.13 -6.59
C MET B 551 -17.61 5.08 -6.28
N THR B 552 -17.37 4.25 -5.28
CA THR B 552 -18.36 3.24 -4.93
C THR B 552 -19.67 3.90 -4.50
N ILE B 553 -19.57 4.95 -3.69
CA ILE B 553 -20.78 5.63 -3.25
C ILE B 553 -21.53 6.21 -4.44
N CYS B 554 -20.80 6.87 -5.34
CA CYS B 554 -21.44 7.49 -6.48
C CYS B 554 -22.16 6.45 -7.33
N PHE B 555 -21.52 5.30 -7.54
CA PHE B 555 -22.15 4.26 -8.34
C PHE B 555 -23.39 3.70 -7.65
N VAL B 556 -23.35 3.52 -6.33
CA VAL B 556 -24.52 3.06 -5.61
C VAL B 556 -25.68 4.02 -5.82
N PHE B 557 -25.43 5.31 -5.60
CA PHE B 557 -26.48 6.30 -5.76
C PHE B 557 -27.03 6.29 -7.17
N MET B 558 -26.17 6.12 -8.17
CA MET B 558 -26.66 6.00 -9.53
C MET B 558 -27.52 4.76 -9.71
N MET B 559 -27.16 3.68 -9.04
CA MET B 559 -27.86 2.42 -9.20
C MET B 559 -29.27 2.48 -8.64
N ILE B 560 -29.48 3.24 -7.56
CA ILE B 560 -30.79 3.34 -6.97
C ILE B 560 -31.82 3.88 -7.95
N PHE B 561 -31.36 4.57 -8.99
CA PHE B 561 -32.24 5.19 -9.98
C PHE B 561 -32.22 4.42 -11.29
N SER B 562 -31.81 3.16 -11.24
CA SER B 562 -31.66 2.37 -12.46
C SER B 562 -32.99 2.20 -13.17
N GLY B 563 -34.05 1.90 -12.43
CA GLY B 563 -35.35 1.65 -13.01
C GLY B 563 -35.99 0.36 -12.54
N LEU B 564 -35.25 -0.49 -11.84
CA LEU B 564 -35.75 -1.77 -11.34
C LEU B 564 -36.06 -1.75 -9.86
N LEU B 565 -35.20 -1.13 -9.06
CA LEU B 565 -35.42 -1.10 -7.62
C LEU B 565 -36.59 -0.22 -7.26
N VAL B 566 -36.82 0.83 -8.04
CA VAL B 566 -37.91 1.78 -7.81
C VAL B 566 -38.51 2.18 -9.14
N ASN B 567 -39.82 2.34 -9.17
CA ASN B 567 -40.48 2.85 -10.36
C ASN B 567 -40.32 4.37 -10.41
N LEU B 568 -39.81 4.86 -11.52
CA LEU B 568 -39.42 6.25 -11.64
C LEU B 568 -40.59 7.20 -11.85
N THR B 569 -41.80 6.69 -12.00
CA THR B 569 -42.98 7.54 -12.04
C THR B 569 -43.54 7.85 -10.66
N THR B 570 -43.07 7.16 -9.62
CA THR B 570 -43.44 7.46 -8.25
C THR B 570 -42.49 8.44 -7.59
N ILE B 571 -41.36 8.72 -8.22
CA ILE B 571 -40.41 9.69 -7.68
C ILE B 571 -41.11 11.04 -7.54
N ALA B 572 -40.78 11.75 -6.47
CA ALA B 572 -41.38 13.04 -6.25
C ALA B 572 -40.93 14.02 -7.33
N SER B 573 -41.78 15.00 -7.61
CA SER B 573 -41.51 15.92 -8.70
C SER B 573 -40.24 16.71 -8.47
N TRP B 574 -39.81 16.83 -7.22
CA TRP B 574 -38.62 17.60 -6.89
C TRP B 574 -37.37 16.75 -6.77
N LEU B 575 -37.43 15.49 -7.21
CA LEU B 575 -36.24 14.65 -7.26
C LEU B 575 -36.10 13.84 -8.53
N SER B 576 -37.13 13.79 -9.38
CA SER B 576 -37.00 13.08 -10.64
C SER B 576 -35.85 13.64 -11.47
N TRP B 577 -35.51 14.91 -11.28
CA TRP B 577 -34.44 15.52 -12.03
C TRP B 577 -33.10 14.85 -11.78
N LEU B 578 -32.96 14.15 -10.66
CA LEU B 578 -31.71 13.45 -10.37
C LEU B 578 -31.52 12.23 -11.23
N GLN B 579 -32.59 11.70 -11.81
CA GLN B 579 -32.48 10.49 -12.59
C GLN B 579 -31.72 10.69 -13.88
N TYR B 580 -31.49 11.94 -14.29
CA TYR B 580 -30.79 12.23 -15.52
C TYR B 580 -29.28 12.20 -15.37
N PHE B 581 -28.78 12.01 -14.15
CA PHE B 581 -27.36 11.92 -13.89
C PHE B 581 -26.90 10.47 -13.75
N SER B 582 -27.76 9.51 -14.02
CA SER B 582 -27.50 8.11 -13.73
C SER B 582 -27.09 7.39 -15.02
N ILE B 583 -25.86 6.87 -15.01
CA ILE B 583 -25.41 6.06 -16.15
C ILE B 583 -26.18 4.76 -16.25
N PRO B 584 -26.35 3.99 -15.18
CA PRO B 584 -27.07 2.73 -15.30
C PRO B 584 -28.46 2.91 -15.83
N ARG B 585 -29.09 4.05 -15.55
CA ARG B 585 -30.43 4.29 -16.06
C ARG B 585 -30.44 4.25 -17.58
N TYR B 586 -29.51 4.96 -18.20
CA TYR B 586 -29.47 5.00 -19.66
C TYR B 586 -29.17 3.63 -20.23
N GLY B 587 -28.18 2.95 -19.67
CA GLY B 587 -27.85 1.64 -20.18
C GLY B 587 -29.00 0.65 -20.05
N PHE B 588 -29.58 0.57 -18.85
CA PHE B 588 -30.65 -0.37 -18.59
C PHE B 588 -31.88 -0.04 -19.42
N THR B 589 -32.22 1.24 -19.52
CA THR B 589 -33.36 1.64 -20.33
C THR B 589 -33.16 1.24 -21.78
N ALA B 590 -31.96 1.43 -22.31
CA ALA B 590 -31.72 1.12 -23.70
C ALA B 590 -31.74 -0.38 -23.94
N LEU B 591 -31.30 -1.17 -22.97
CA LEU B 591 -31.35 -2.61 -23.14
C LEU B 591 -32.77 -3.12 -23.07
N GLN B 592 -33.56 -2.58 -22.15
CA GLN B 592 -34.95 -3.01 -22.04
C GLN B 592 -35.74 -2.65 -23.28
N HIS B 593 -35.49 -1.49 -23.86
CA HIS B 593 -36.33 -1.03 -24.96
C HIS B 593 -36.24 -1.95 -26.16
N ASN B 594 -35.05 -2.44 -26.46
CA ASN B 594 -34.88 -3.24 -27.67
C ASN B 594 -35.20 -4.71 -27.45
N GLU B 595 -35.53 -5.12 -26.23
CA GLU B 595 -35.83 -6.51 -25.91
C GLU B 595 -37.32 -6.75 -25.74
N PHE B 596 -37.96 -6.02 -24.82
CA PHE B 596 -39.37 -6.24 -24.52
C PHE B 596 -40.29 -5.78 -25.63
N LEU B 597 -39.79 -5.02 -26.61
CA LEU B 597 -40.68 -4.34 -27.53
C LEU B 597 -41.55 -5.32 -28.30
N GLY B 598 -40.94 -6.33 -28.90
CA GLY B 598 -41.69 -7.32 -29.64
C GLY B 598 -41.97 -8.60 -28.88
N GLN B 599 -42.60 -8.50 -27.72
CA GLN B 599 -42.79 -9.64 -26.85
C GLN B 599 -44.19 -9.63 -26.26
N ASN B 600 -44.70 -10.82 -25.94
CA ASN B 600 -45.96 -11.00 -25.22
C ASN B 600 -45.75 -12.10 -24.20
N PHE B 601 -46.06 -11.80 -22.94
CA PHE B 601 -45.70 -12.65 -21.82
C PHE B 601 -46.89 -13.33 -21.16
N CYS B 602 -48.08 -13.23 -21.73
CA CYS B 602 -49.24 -13.91 -21.17
C CYS B 602 -49.57 -15.12 -22.04
N PRO B 603 -49.33 -16.35 -21.55
CA PRO B 603 -49.32 -17.51 -22.46
C PRO B 603 -50.65 -17.79 -23.12
N GLY B 604 -51.75 -17.65 -22.40
CA GLY B 604 -53.06 -17.88 -22.98
C GLY B 604 -53.58 -16.63 -23.66
N LEU B 605 -53.42 -16.57 -24.98
CA LEU B 605 -53.66 -15.32 -25.70
C LEU B 605 -55.08 -15.27 -26.24
N ASN B 606 -55.61 -16.39 -26.74
CA ASN B 606 -57.04 -16.49 -26.99
C ASN B 606 -57.83 -16.31 -25.70
N ALA B 607 -57.35 -16.94 -24.62
CA ALA B 607 -57.99 -16.76 -23.31
C ALA B 607 -57.90 -15.31 -22.87
N THR B 608 -56.72 -14.70 -23.03
CA THR B 608 -56.44 -13.29 -22.77
C THR B 608 -57.16 -12.40 -23.78
N GLY B 609 -57.28 -12.87 -25.02
CA GLY B 609 -57.87 -12.02 -26.05
C GLY B 609 -59.31 -11.65 -25.78
N ASN B 610 -60.13 -12.64 -25.40
CA ASN B 610 -61.54 -12.37 -25.17
C ASN B 610 -61.74 -11.36 -24.06
N ASN B 611 -61.11 -11.57 -22.90
CA ASN B 611 -61.25 -10.64 -21.77
C ASN B 611 -59.87 -10.31 -21.22
N PRO B 612 -59.25 -9.21 -21.67
CA PRO B 612 -57.97 -8.78 -21.07
C PRO B 612 -58.11 -8.28 -19.62
N CYS B 613 -57.04 -8.45 -18.83
CA CYS B 613 -57.08 -8.19 -17.41
C CYS B 613 -56.43 -6.84 -17.12
N ASN B 614 -57.12 -6.01 -16.33
CA ASN B 614 -56.60 -4.66 -16.05
C ASN B 614 -55.15 -4.73 -15.53
N TYR B 615 -54.96 -5.24 -14.33
CA TYR B 615 -53.67 -5.50 -13.69
C TYR B 615 -53.05 -6.79 -14.21
N ALA B 616 -52.54 -6.76 -15.44
CA ALA B 616 -51.98 -7.95 -16.08
C ALA B 616 -50.58 -7.72 -16.63
N THR B 617 -50.35 -6.54 -17.21
CA THR B 617 -49.07 -6.17 -17.77
C THR B 617 -48.53 -7.22 -18.74
N CYS B 618 -49.45 -7.87 -19.45
CA CYS B 618 -49.07 -8.99 -20.31
C CYS B 618 -47.89 -8.63 -21.20
N THR B 619 -48.09 -7.71 -22.13
CA THR B 619 -47.11 -7.45 -23.17
C THR B 619 -45.93 -6.65 -22.64
N GLY B 620 -44.87 -6.62 -23.45
CA GLY B 620 -43.69 -5.86 -23.10
C GLY B 620 -43.92 -4.36 -23.13
N GLU B 621 -44.72 -3.89 -24.10
CA GLU B 621 -44.95 -2.46 -24.21
C GLU B 621 -45.61 -1.91 -22.95
N GLU B 622 -46.55 -2.66 -22.37
CA GLU B 622 -47.22 -2.19 -21.17
C GLU B 622 -46.24 -2.05 -20.02
N TYR B 623 -45.39 -3.05 -19.81
CA TYR B 623 -44.39 -2.96 -18.75
C TYR B 623 -43.46 -1.79 -19.00
N LEU B 624 -43.05 -1.63 -20.26
CA LEU B 624 -42.16 -0.55 -20.62
C LEU B 624 -42.79 0.79 -20.26
N VAL B 625 -44.06 0.97 -20.59
CA VAL B 625 -44.75 2.21 -20.28
C VAL B 625 -44.82 2.41 -18.77
N LYS B 626 -45.17 1.35 -18.04
CA LYS B 626 -45.34 1.49 -16.60
C LYS B 626 -44.05 1.93 -15.92
N GLN B 627 -42.90 1.49 -16.43
CA GLN B 627 -41.65 1.99 -15.87
C GLN B 627 -41.31 3.38 -16.35
N GLY B 628 -42.08 3.95 -17.28
CA GLY B 628 -41.84 5.28 -17.74
C GLY B 628 -40.79 5.36 -18.82
N ILE B 629 -41.07 4.76 -19.97
CA ILE B 629 -40.11 4.70 -21.07
C ILE B 629 -40.85 5.00 -22.37
N ASP B 630 -40.18 5.73 -23.26
CA ASP B 630 -40.71 6.01 -24.58
C ASP B 630 -40.54 4.81 -25.49
N LEU B 631 -41.39 4.73 -26.51
CA LEU B 631 -41.38 3.62 -27.45
C LEU B 631 -40.70 3.96 -28.76
N SER B 632 -40.53 5.24 -29.06
CA SER B 632 -39.93 5.62 -30.32
C SER B 632 -38.43 5.29 -30.32
N PRO B 633 -37.87 4.94 -31.47
CA PRO B 633 -36.44 4.59 -31.51
C PRO B 633 -35.56 5.71 -31.02
N TRP B 634 -35.97 6.96 -31.23
CA TRP B 634 -35.32 8.06 -30.56
C TRP B 634 -35.27 7.82 -29.06
N GLY B 635 -36.32 7.20 -28.52
CA GLY B 635 -36.34 6.85 -27.11
C GLY B 635 -35.28 5.87 -26.71
N LEU B 636 -34.60 5.26 -27.68
CA LEU B 636 -33.49 4.37 -27.46
C LEU B 636 -32.15 5.10 -27.63
N TRP B 637 -31.98 5.77 -28.77
CA TRP B 637 -30.71 6.40 -29.09
C TRP B 637 -30.41 7.61 -28.20
N LYS B 638 -31.43 8.17 -27.57
CA LYS B 638 -31.21 9.29 -26.66
C LYS B 638 -30.26 8.90 -25.54
N ASN B 639 -30.38 7.68 -25.04
CA ASN B 639 -29.49 7.23 -23.99
C ASN B 639 -28.04 7.19 -24.48
N HIS B 640 -27.85 6.76 -25.72
CA HIS B 640 -26.49 6.64 -26.24
C HIS B 640 -25.81 7.99 -26.38
N VAL B 641 -26.53 8.98 -26.92
CA VAL B 641 -25.93 10.30 -27.06
C VAL B 641 -25.62 10.87 -25.69
N ALA B 642 -26.50 10.64 -24.73
CA ALA B 642 -26.23 11.10 -23.37
C ALA B 642 -24.95 10.49 -22.83
N LEU B 643 -24.76 9.19 -23.02
CA LEU B 643 -23.56 8.54 -22.52
C LEU B 643 -22.32 9.11 -23.18
N ALA B 644 -22.37 9.35 -24.49
CA ALA B 644 -21.21 9.93 -25.17
C ALA B 644 -20.86 11.29 -24.60
N CYS B 645 -21.87 12.13 -24.38
CA CYS B 645 -21.62 13.45 -23.81
C CYS B 645 -21.01 13.34 -22.42
N MET B 646 -21.50 12.40 -21.61
CA MET B 646 -20.91 12.20 -20.30
C MET B 646 -19.45 11.81 -20.42
N ILE B 647 -19.13 10.94 -21.37
CA ILE B 647 -17.75 10.54 -21.58
C ILE B 647 -16.87 11.75 -21.85
N VAL B 648 -17.30 12.57 -22.80
CA VAL B 648 -16.51 13.72 -23.21
C VAL B 648 -16.29 14.66 -22.03
N ILE B 649 -17.38 14.97 -21.33
CA ILE B 649 -17.29 15.93 -20.23
C ILE B 649 -16.36 15.42 -19.15
N PHE B 650 -16.49 14.15 -18.77
CA PHE B 650 -15.70 13.64 -17.67
C PHE B 650 -14.23 13.56 -18.02
N LEU B 651 -13.90 13.19 -19.26
CA LEU B 651 -12.51 13.16 -19.66
C LEU B 651 -11.91 14.56 -19.65
N THR B 652 -12.66 15.54 -20.12
CA THR B 652 -12.18 16.91 -20.07
C THR B 652 -11.89 17.35 -18.65
N ILE B 653 -12.80 17.02 -17.73
CA ILE B 653 -12.60 17.37 -16.33
C ILE B 653 -11.34 16.72 -15.79
N ALA B 654 -11.11 15.46 -16.14
CA ALA B 654 -9.89 14.79 -15.67
C ALA B 654 -8.65 15.50 -16.18
N TYR B 655 -8.66 15.88 -17.46
CA TYR B 655 -7.50 16.56 -18.02
C TYR B 655 -7.22 17.85 -17.29
N LEU B 656 -8.27 18.61 -16.98
CA LEU B 656 -8.06 19.87 -16.28
C LEU B 656 -7.60 19.65 -14.85
N LYS B 657 -8.15 18.64 -14.18
CA LYS B 657 -7.70 18.35 -12.82
C LYS B 657 -6.23 18.00 -12.80
N LEU B 658 -5.73 17.38 -13.87
CA LEU B 658 -4.30 17.11 -13.95
C LEU B 658 -3.52 18.38 -14.29
N LEU B 659 -4.10 19.23 -15.14
CA LEU B 659 -3.36 20.37 -15.65
C LEU B 659 -3.10 21.40 -14.56
N PHE B 660 -4.14 21.77 -13.81
CA PHE B 660 -4.01 22.74 -12.75
C PHE B 660 -3.55 22.12 -11.45
N LEU B 661 -3.02 20.90 -11.51
CA LEU B 661 -2.43 20.28 -10.35
C LEU B 661 -1.12 20.98 -10.00
N LYS B 662 -0.75 20.87 -8.73
CA LYS B 662 0.46 21.53 -8.23
C LYS B 662 1.65 20.63 -8.52
N LYS B 663 2.37 20.94 -9.59
CA LYS B 663 3.54 20.17 -10.00
C LYS B 663 4.78 20.89 -9.49
N TYR B 664 5.06 20.68 -8.21
CA TYR B 664 6.16 21.36 -7.54
C TYR B 664 6.61 20.56 -6.33
#